data_3KSQ
#
_entry.id   3KSQ
#
_cell.length_a   171.122
_cell.length_b   171.122
_cell.length_c   69.269
_cell.angle_alpha   90.00
_cell.angle_beta   90.00
_cell.angle_gamma   120.00
#
_symmetry.space_group_name_H-M   'P 61'
#
loop_
_entity.id
_entity.type
_entity.pdbx_description
1 polymer 'Farnesyltransferase, CAAX box, alpha'
2 polymer 'Protein farnesyltransferase subunit beta'
3 non-polymer 'MAGNESIUM ION'
4 non-polymer 'ZINC ION'
5 non-polymer 'FARNESYL DIPHOSPHATE'
6 non-polymer 'tert-butyl 4-{(11S)-8-chloro-6-[(R)-hydroxy(1-methyl-1H-imidazol-5-yl)methyl]-11H-benzo[5,6]cyclohepta[1,2-b]pyridin-11-yl}piperazine-1-carboxylate'
7 water water
#
loop_
_entity_poly.entity_id
_entity_poly.type
_entity_poly.pdbx_seq_one_letter_code
_entity_poly.pdbx_strand_id
1 'polypeptide(L)'
;MAATEGVGESAPGGEPGQPEQPPPPPPPPPAQQPQEEEMAAEAGEAAASPMDDGFLSLDSPTYVLYRDRAEWADIDPVPQ
NDGPSPVVQIIYSEKFRDVYDYFRAVLQRDERSERAFKLTRDAIELNAANYTVWHFRRVLLRSLQKDLQEEMNYITAIIE
EQPKNYQVWHHRRVLVEWLKDPSQELEFIADILNQDAKNYHAWQHRQWVIQEFRLWDNELQYVDQLLKEDVRNNSVWNQR
HFVISNTTGYSDRAVLEREVQYTLEMIKLVPHNESAWNYLKGILQDRGLSRYPNLLNQLLDLQPSHSSPYLIAFLVDIYE
DMLENQCDNKEDILNKALELCEILAKEKDTIRKEYWRYIGRSLQSKHSRESDIPASV
;
A
2 'polypeptide(L)'
;MASSSSFTYYCPPSSSPVWSEPLYSLRPEHARERLQDDSVETVTSIEQAKVEEKIQEVFSSYKFNHLVPRLVLQREKHFH
YLKRGLRQLTDAYECLDASRPWLCYWILHSLELLDEPIPQIVATDVCQFLELCQSPDGGFGGGPGQYPHLAPTYAAVNAL
CIIGTEEAYNVINREKLLQYLYSLKQPDGSFLMHVGGEVDVRSAYCAASVASLTNIITPDLFEGTAEWIARCQNWEGGIG
GVPGMEAHGGYTFCGLAALVILKKERSLNLKSLLQWVTSRQMRFEGGFQGRCNKLVDGCYSFWQAGLLPLLHRALHAQGD
PALSMSHWMFHQQALQEYILMCCQCPAGGLLDKPGKSRDFYHTCYCLSGLSIAQHFGSGAMLHDVVMGVPENVLQPTHPV
YNIGPDKVIQATTHFLQKPVPGFEECEDAVTSDPATD
;
B
#
# COMPACT_ATOMS: atom_id res chain seq x y z
N GLY A 54 19.30 34.84 -4.03
CA GLY A 54 18.78 35.51 -5.22
C GLY A 54 17.88 34.59 -6.02
N PHE A 55 16.74 34.22 -5.42
CA PHE A 55 15.78 33.29 -6.02
C PHE A 55 14.84 33.88 -7.06
N LEU A 56 14.69 33.14 -8.16
CA LEU A 56 13.76 33.42 -9.25
C LEU A 56 12.82 32.22 -9.26
N SER A 57 11.67 32.36 -8.57
CA SER A 57 10.64 31.34 -8.42
C SER A 57 10.21 30.76 -9.77
N LEU A 58 9.96 29.45 -9.78
CA LEU A 58 9.59 28.69 -10.96
C LEU A 58 8.23 29.09 -11.51
N ASP A 59 7.38 29.68 -10.66
CA ASP A 59 6.04 30.13 -11.05
C ASP A 59 5.99 31.67 -11.25
N SER A 60 7.12 32.36 -11.02
CA SER A 60 7.26 33.81 -11.18
C SER A 60 6.90 34.22 -12.62
N PRO A 61 6.12 35.29 -12.84
CA PRO A 61 5.80 35.69 -14.23
C PRO A 61 7.05 36.04 -15.06
N THR A 62 8.16 36.41 -14.37
CA THR A 62 9.46 36.77 -14.98
C THR A 62 10.51 35.66 -14.92
N TYR A 63 10.07 34.42 -14.68
CA TYR A 63 10.98 33.27 -14.70
C TYR A 63 11.53 33.15 -16.13
N VAL A 64 12.81 32.85 -16.22
CA VAL A 64 13.49 32.70 -17.50
C VAL A 64 14.11 31.29 -17.52
N LEU A 65 14.07 30.63 -18.68
CA LEU A 65 14.69 29.32 -18.90
C LEU A 65 16.18 29.46 -18.66
N TYR A 66 16.80 28.41 -18.07
CA TYR A 66 18.23 28.35 -17.80
C TYR A 66 19.06 28.56 -19.07
N ARG A 67 18.60 28.06 -20.23
CA ARG A 67 19.26 28.27 -21.52
C ARG A 67 19.30 29.75 -21.95
N ASP A 68 18.41 30.58 -21.38
CA ASP A 68 18.37 32.02 -21.67
C ASP A 68 19.00 32.83 -20.55
N ARG A 69 19.71 32.18 -19.60
CA ARG A 69 20.34 32.87 -18.46
C ARG A 69 21.83 33.05 -18.70
N ALA A 70 22.31 34.28 -18.43
CA ALA A 70 23.70 34.70 -18.64
C ALA A 70 24.69 33.94 -17.76
N GLU A 71 24.40 33.86 -16.44
CA GLU A 71 25.23 33.18 -15.43
C GLU A 71 25.35 31.64 -15.66
N TRP A 72 24.69 31.10 -16.71
CA TRP A 72 24.69 29.68 -17.09
C TRP A 72 25.25 29.42 -18.48
N ALA A 73 25.70 30.50 -19.19
CA ALA A 73 26.21 30.41 -20.57
C ALA A 73 27.38 29.46 -20.77
N ASP A 74 28.26 29.34 -19.77
CA ASP A 74 29.46 28.51 -19.80
C ASP A 74 29.16 27.02 -19.86
N ILE A 75 28.00 26.62 -19.31
CA ILE A 75 27.65 25.22 -19.24
C ILE A 75 26.75 24.75 -20.36
N ASP A 76 27.06 23.59 -20.92
CA ASP A 76 26.25 22.96 -21.95
C ASP A 76 25.23 22.06 -21.23
N PRO A 77 23.92 22.23 -21.47
CA PRO A 77 22.94 21.32 -20.85
C PRO A 77 23.13 19.89 -21.39
N VAL A 78 22.91 18.86 -20.55
CA VAL A 78 23.08 17.48 -21.01
C VAL A 78 21.71 16.85 -21.28
N PRO A 79 21.39 16.51 -22.55
CA PRO A 79 20.07 15.90 -22.82
C PRO A 79 19.98 14.49 -22.27
N GLN A 80 18.77 14.04 -21.98
CA GLN A 80 18.53 12.71 -21.48
C GLN A 80 18.72 11.68 -22.58
N ASN A 81 19.48 10.62 -22.28
CA ASN A 81 19.75 9.51 -23.19
C ASN A 81 18.64 8.44 -23.03
N ASP A 82 17.52 8.60 -23.78
CA ASP A 82 16.38 7.68 -23.78
C ASP A 82 16.54 6.52 -24.77
N GLY A 83 17.63 6.54 -25.54
CA GLY A 83 17.94 5.52 -26.54
C GLY A 83 17.35 5.78 -27.91
N PRO A 84 17.68 4.95 -28.92
CA PRO A 84 17.15 5.17 -30.28
C PRO A 84 15.64 4.95 -30.45
N SER A 85 15.09 3.82 -29.95
CA SER A 85 13.65 3.51 -30.00
C SER A 85 13.11 3.67 -28.57
N PRO A 86 12.48 4.84 -28.26
CA PRO A 86 12.07 5.08 -26.87
C PRO A 86 10.82 4.38 -26.36
N VAL A 87 10.80 4.13 -25.04
CA VAL A 87 9.66 3.52 -24.36
C VAL A 87 9.28 4.40 -23.17
N VAL A 88 7.97 4.47 -22.85
CA VAL A 88 7.42 5.30 -21.76
C VAL A 88 8.08 6.67 -21.74
N GLN A 89 8.22 7.23 -22.94
CA GLN A 89 8.85 8.53 -23.15
C GLN A 89 7.87 9.61 -22.79
N ILE A 90 8.24 10.46 -21.84
CA ILE A 90 7.38 11.54 -21.37
C ILE A 90 7.65 12.76 -22.25
N ILE A 91 6.58 13.37 -22.79
CA ILE A 91 6.75 14.55 -23.61
C ILE A 91 6.79 15.72 -22.65
N TYR A 92 7.99 16.00 -22.15
CA TYR A 92 8.19 17.04 -21.14
C TYR A 92 7.85 18.40 -21.64
N SER A 93 7.37 19.26 -20.73
CA SER A 93 7.15 20.66 -21.02
C SER A 93 8.55 21.27 -21.17
N GLU A 94 8.66 22.42 -21.85
CA GLU A 94 9.91 23.13 -22.08
C GLU A 94 10.63 23.49 -20.79
N LYS A 95 9.86 23.97 -19.78
CA LYS A 95 10.42 24.37 -18.48
C LYS A 95 11.07 23.16 -17.77
N PHE A 96 10.42 21.99 -17.83
CA PHE A 96 10.90 20.78 -17.18
C PHE A 96 12.18 20.29 -17.85
N ARG A 97 12.16 20.15 -19.17
CA ARG A 97 13.29 19.71 -20.00
C ARG A 97 14.49 20.62 -19.75
N ASP A 98 14.26 21.93 -19.70
CA ASP A 98 15.30 22.91 -19.48
C ASP A 98 16.00 22.77 -18.12
N VAL A 99 15.22 22.71 -17.02
CA VAL A 99 15.81 22.53 -15.69
C VAL A 99 16.58 21.19 -15.60
N TYR A 100 15.96 20.10 -16.09
CA TYR A 100 16.57 18.76 -16.02
C TYR A 100 17.78 18.53 -16.91
N ASP A 101 17.88 19.27 -18.04
CA ASP A 101 19.06 19.19 -18.92
C ASP A 101 20.22 19.89 -18.21
N TYR A 102 19.93 20.99 -17.48
CA TYR A 102 20.94 21.70 -16.72
C TYR A 102 21.33 20.96 -15.45
N PHE A 103 20.34 20.27 -14.81
CA PHE A 103 20.64 19.49 -13.59
C PHE A 103 21.58 18.33 -13.97
N ARG A 104 21.33 17.69 -15.12
CA ARG A 104 22.13 16.59 -15.64
C ARG A 104 23.56 17.05 -15.85
N ALA A 105 23.77 18.29 -16.34
CA ALA A 105 25.10 18.86 -16.57
C ALA A 105 25.82 19.10 -15.27
N VAL A 106 25.18 19.73 -14.24
CA VAL A 106 25.86 19.98 -12.96
C VAL A 106 26.15 18.67 -12.21
N LEU A 107 25.26 17.66 -12.38
CA LEU A 107 25.43 16.35 -11.73
C LEU A 107 26.59 15.60 -12.35
N GLN A 108 26.61 15.48 -13.69
CA GLN A 108 27.67 14.82 -14.45
C GLN A 108 29.04 15.38 -14.16
N ARG A 109 29.14 16.71 -14.01
CA ARG A 109 30.41 17.33 -13.69
C ARG A 109 30.62 17.49 -12.18
N ASP A 110 29.62 17.11 -11.37
CA ASP A 110 29.66 17.19 -9.90
C ASP A 110 30.01 18.60 -9.42
N GLU A 111 29.31 19.61 -9.99
CA GLU A 111 29.54 21.00 -9.65
C GLU A 111 28.84 21.35 -8.34
N ARG A 112 29.63 21.62 -7.31
CA ARG A 112 29.14 21.93 -5.99
C ARG A 112 29.20 23.42 -5.78
N SER A 113 28.27 24.10 -6.45
CA SER A 113 28.17 25.56 -6.50
C SER A 113 26.83 26.07 -6.00
N GLU A 114 26.79 27.35 -5.69
CA GLU A 114 25.62 28.06 -5.24
C GLU A 114 24.54 28.05 -6.33
N ARG A 115 24.96 28.14 -7.62
CA ARG A 115 24.01 28.09 -8.72
C ARG A 115 23.43 26.67 -8.87
N ALA A 116 24.25 25.62 -8.63
CA ALA A 116 23.79 24.22 -8.69
C ALA A 116 22.75 23.99 -7.58
N PHE A 117 22.97 24.59 -6.42
CA PHE A 117 22.10 24.50 -5.25
C PHE A 117 20.72 25.09 -5.53
N LYS A 118 20.70 26.32 -6.11
CA LYS A 118 19.46 26.98 -6.46
C LYS A 118 18.74 26.20 -7.54
N LEU A 119 19.50 25.58 -8.47
CA LEU A 119 18.93 24.77 -9.53
C LEU A 119 18.17 23.53 -8.98
N THR A 120 18.71 22.88 -7.93
CA THR A 120 18.05 21.71 -7.32
C THR A 120 16.66 22.11 -6.77
N ARG A 121 16.50 23.35 -6.28
CA ARG A 121 15.21 23.82 -5.77
C ARG A 121 14.18 23.79 -6.90
N ASP A 122 14.59 24.22 -8.12
CA ASP A 122 13.69 24.19 -9.28
C ASP A 122 13.43 22.76 -9.70
N ALA A 123 14.46 21.91 -9.71
CA ALA A 123 14.29 20.52 -10.15
C ALA A 123 13.33 19.79 -9.16
N ILE A 124 13.43 20.11 -7.87
CA ILE A 124 12.57 19.51 -6.84
C ILE A 124 11.15 20.02 -7.03
N GLU A 125 11.00 21.32 -7.24
CA GLU A 125 9.67 21.90 -7.46
C GLU A 125 8.98 21.24 -8.66
N LEU A 126 9.74 20.95 -9.73
CA LEU A 126 9.18 20.29 -10.93
C LEU A 126 8.79 18.82 -10.70
N ASN A 127 9.59 18.10 -9.91
CA ASN A 127 9.33 16.70 -9.61
C ASN A 127 9.97 16.40 -8.23
N ALA A 128 9.18 16.60 -7.17
CA ALA A 128 9.63 16.40 -5.79
C ALA A 128 9.90 14.91 -5.44
N ALA A 129 9.52 13.97 -6.33
CA ALA A 129 9.83 12.55 -6.16
C ALA A 129 11.19 12.17 -6.79
N ASN A 130 11.94 13.16 -7.36
CA ASN A 130 13.23 12.80 -7.95
C ASN A 130 14.28 12.68 -6.84
N TYR A 131 14.49 11.44 -6.36
CA TYR A 131 15.41 11.14 -5.26
C TYR A 131 16.90 11.43 -5.60
N THR A 132 17.30 11.33 -6.88
CA THR A 132 18.67 11.69 -7.32
C THR A 132 18.92 13.18 -7.04
N VAL A 133 17.92 14.04 -7.28
CA VAL A 133 18.00 15.47 -7.06
C VAL A 133 18.13 15.73 -5.59
N TRP A 134 17.27 15.09 -4.75
CA TRP A 134 17.34 15.23 -3.31
C TRP A 134 18.72 14.82 -2.76
N HIS A 135 19.33 13.77 -3.32
CA HIS A 135 20.65 13.29 -2.84
C HIS A 135 21.72 14.37 -3.10
N PHE A 136 21.72 14.93 -4.30
CA PHE A 136 22.63 16.00 -4.72
C PHE A 136 22.41 17.27 -3.93
N ARG A 137 21.14 17.59 -3.60
CA ARG A 137 20.86 18.76 -2.78
C ARG A 137 21.48 18.59 -1.39
N ARG A 138 21.39 17.38 -0.82
CA ARG A 138 21.98 17.10 0.49
C ARG A 138 23.51 17.11 0.43
N VAL A 139 24.12 16.66 -0.68
CA VAL A 139 25.58 16.77 -0.90
C VAL A 139 25.94 18.29 -0.88
N LEU A 140 25.13 19.15 -1.54
CA LEU A 140 25.38 20.59 -1.62
C LEU A 140 25.19 21.28 -0.30
N LEU A 141 24.21 20.85 0.52
CA LEU A 141 23.98 21.47 1.83
C LEU A 141 25.21 21.34 2.72
N ARG A 142 25.89 20.18 2.66
CA ARG A 142 27.08 19.92 3.46
C ARG A 142 28.34 20.56 2.82
N SER A 143 28.59 20.34 1.51
CA SER A 143 29.74 20.92 0.77
C SER A 143 29.77 22.45 0.85
N LEU A 144 28.61 23.11 0.64
CA LEU A 144 28.49 24.57 0.66
C LEU A 144 28.35 25.14 2.04
N GLN A 145 28.19 24.28 3.06
CA GLN A 145 28.00 24.71 4.44
C GLN A 145 26.80 25.66 4.55
N LYS A 146 25.65 25.19 4.04
CA LYS A 146 24.42 25.98 4.04
C LYS A 146 23.79 26.00 5.41
N ASP A 147 23.20 27.17 5.78
CA ASP A 147 22.48 27.34 7.03
C ASP A 147 21.30 26.33 6.99
N LEU A 148 21.31 25.38 7.93
CA LEU A 148 20.31 24.31 7.98
C LEU A 148 18.98 24.76 8.53
N GLN A 149 18.95 25.88 9.25
CA GLN A 149 17.69 26.44 9.72
C GLN A 149 16.94 27.09 8.55
N GLU A 150 17.66 27.71 7.59
CA GLU A 150 17.03 28.24 6.37
C GLU A 150 16.51 27.04 5.54
N GLU A 151 17.28 25.93 5.52
CA GLU A 151 16.84 24.72 4.84
C GLU A 151 15.57 24.12 5.51
N MET A 152 15.45 24.26 6.85
CA MET A 152 14.25 23.83 7.55
C MET A 152 13.03 24.68 7.13
N ASN A 153 13.22 26.02 6.97
CA ASN A 153 12.17 26.94 6.52
C ASN A 153 11.68 26.53 5.14
N TYR A 154 12.60 26.18 4.25
CA TYR A 154 12.32 25.72 2.90
C TYR A 154 11.52 24.37 2.94
N ILE A 155 11.99 23.36 3.72
CA ILE A 155 11.32 22.05 3.77
C ILE A 155 9.91 22.17 4.33
N THR A 156 9.71 23.06 5.32
CA THR A 156 8.42 23.37 5.93
C THR A 156 7.46 23.85 4.83
N ALA A 157 7.92 24.78 3.97
CA ALA A 157 7.11 25.34 2.87
C ALA A 157 6.75 24.27 1.83
N ILE A 158 7.71 23.46 1.40
CA ILE A 158 7.52 22.38 0.42
C ILE A 158 6.59 21.24 0.93
N ILE A 159 6.71 20.88 2.23
CA ILE A 159 5.84 19.86 2.83
C ILE A 159 4.41 20.44 2.88
N GLU A 160 4.26 21.74 3.25
CA GLU A 160 2.94 22.37 3.24
C GLU A 160 2.25 22.24 1.88
N GLU A 161 3.01 22.38 0.77
CA GLU A 161 2.53 22.28 -0.63
C GLU A 161 2.22 20.83 -1.08
N GLN A 162 3.08 19.86 -0.69
CA GLN A 162 2.94 18.46 -1.11
C GLN A 162 3.10 17.58 0.12
N PRO A 163 2.10 17.56 1.02
CA PRO A 163 2.27 16.83 2.28
C PRO A 163 2.33 15.32 2.17
N LYS A 164 1.99 14.77 0.99
CA LYS A 164 1.98 13.33 0.80
C LYS A 164 3.24 12.79 0.18
N ASN A 165 4.17 13.64 -0.21
CA ASN A 165 5.40 13.20 -0.85
C ASN A 165 6.34 12.51 0.18
N TYR A 166 6.95 11.36 -0.18
CA TYR A 166 7.87 10.63 0.71
C TYR A 166 9.21 11.38 0.93
N GLN A 167 9.79 11.88 -0.17
CA GLN A 167 11.10 12.52 -0.19
C GLN A 167 11.20 13.74 0.70
N VAL A 168 10.16 14.56 0.74
CA VAL A 168 10.13 15.80 1.53
C VAL A 168 10.24 15.52 3.04
N TRP A 169 9.53 14.49 3.51
CA TRP A 169 9.52 14.08 4.93
C TRP A 169 10.85 13.44 5.31
N HIS A 170 11.41 12.63 4.41
CA HIS A 170 12.72 12.03 4.65
C HIS A 170 13.80 13.14 4.77
N HIS A 171 13.74 14.15 3.89
CA HIS A 171 14.68 15.29 3.96
C HIS A 171 14.54 16.05 5.28
N ARG A 172 13.29 16.25 5.74
CA ARG A 172 13.07 16.93 7.00
C ARG A 172 13.67 16.12 8.17
N ARG A 173 13.54 14.79 8.13
CA ARG A 173 14.13 13.92 9.15
C ARG A 173 15.67 14.06 9.16
N VAL A 174 16.31 14.02 7.96
CA VAL A 174 17.76 14.20 7.83
C VAL A 174 18.19 15.56 8.50
N LEU A 175 17.44 16.65 8.21
CA LEU A 175 17.71 17.97 8.80
C LEU A 175 17.58 17.94 10.31
N VAL A 176 16.50 17.30 10.83
CA VAL A 176 16.30 17.24 12.28
C VAL A 176 17.47 16.45 12.93
N GLU A 177 17.95 15.37 12.28
CA GLU A 177 19.08 14.55 12.73
C GLU A 177 20.34 15.39 12.78
N TRP A 178 20.67 16.08 11.66
CA TRP A 178 21.82 16.97 11.54
C TRP A 178 21.83 18.04 12.59
N LEU A 179 20.70 18.70 12.81
CA LEU A 179 20.62 19.78 13.77
C LEU A 179 20.46 19.32 15.20
N LYS A 180 20.04 18.06 15.41
CA LYS A 180 19.73 17.48 16.72
C LYS A 180 18.73 18.39 17.42
N ASP A 181 17.81 18.94 16.61
CA ASP A 181 16.81 19.88 17.08
C ASP A 181 15.38 19.50 16.71
N PRO A 182 14.63 18.92 17.68
CA PRO A 182 13.23 18.55 17.43
C PRO A 182 12.20 19.59 17.91
N SER A 183 12.67 20.79 18.34
CA SER A 183 11.83 21.84 18.94
C SER A 183 10.65 22.32 18.12
N GLN A 184 10.77 22.37 16.79
CA GLN A 184 9.69 22.84 15.91
C GLN A 184 8.75 21.72 15.46
N GLU A 185 9.16 20.46 15.64
CA GLU A 185 8.52 19.26 15.10
C GLU A 185 7.09 19.01 15.39
N LEU A 186 6.75 18.91 16.67
CA LEU A 186 5.39 18.58 17.07
C LEU A 186 4.38 19.63 16.63
N GLU A 187 4.76 20.90 16.67
CA GLU A 187 3.87 21.98 16.24
C GLU A 187 3.77 22.00 14.71
N PHE A 188 4.87 21.74 13.98
CA PHE A 188 4.79 21.68 12.51
C PHE A 188 3.87 20.47 12.06
N ILE A 189 4.05 19.30 12.68
CA ILE A 189 3.23 18.11 12.34
C ILE A 189 1.76 18.37 12.65
N ALA A 190 1.47 19.00 13.81
CA ALA A 190 0.09 19.33 14.19
C ALA A 190 -0.55 20.26 13.12
N ASP A 191 0.24 21.13 12.49
CA ASP A 191 -0.28 22.00 11.43
C ASP A 191 -0.59 21.20 10.18
N ILE A 192 0.26 20.20 9.86
CA ILE A 192 -0.05 19.30 8.69
C ILE A 192 -1.29 18.47 9.02
N LEU A 193 -1.38 17.93 10.26
CA LEU A 193 -2.51 17.10 10.69
C LEU A 193 -3.81 17.89 10.81
N ASN A 194 -3.70 19.20 10.99
CA ASN A 194 -4.85 20.10 11.01
C ASN A 194 -5.49 20.17 9.62
N GLN A 195 -4.70 19.95 8.55
CA GLN A 195 -5.18 19.95 7.15
C GLN A 195 -5.62 18.57 6.63
N ASP A 196 -4.92 17.50 7.07
CA ASP A 196 -5.22 16.08 6.75
C ASP A 196 -4.79 15.28 7.96
N ALA A 197 -5.77 14.97 8.81
CA ALA A 197 -5.63 14.28 10.08
C ALA A 197 -5.24 12.81 9.96
N LYS A 198 -5.18 12.29 8.71
CA LYS A 198 -4.81 10.88 8.42
C LYS A 198 -3.54 10.77 7.57
N ASN A 199 -2.79 11.87 7.40
CA ASN A 199 -1.58 11.87 6.58
C ASN A 199 -0.58 10.90 7.19
N TYR A 200 -0.36 9.81 6.48
CA TYR A 200 0.47 8.69 6.97
C TYR A 200 1.94 9.12 7.26
N HIS A 201 2.54 9.92 6.37
CA HIS A 201 3.92 10.42 6.56
C HIS A 201 4.00 11.35 7.75
N ALA A 202 2.97 12.19 7.97
CA ALA A 202 2.94 13.08 9.15
C ALA A 202 2.93 12.27 10.44
N TRP A 203 2.08 11.22 10.51
CA TRP A 203 2.02 10.37 11.71
C TRP A 203 3.32 9.61 11.91
N GLN A 204 3.92 9.11 10.81
CA GLN A 204 5.20 8.40 10.89
C GLN A 204 6.33 9.31 11.39
N HIS A 205 6.34 10.56 10.93
CA HIS A 205 7.35 11.51 11.34
C HIS A 205 7.14 11.85 12.80
N ARG A 206 5.87 12.00 13.21
CA ARG A 206 5.50 12.25 14.60
C ARG A 206 6.00 11.15 15.54
N GLN A 207 5.79 9.88 15.17
CA GLN A 207 6.27 8.77 15.99
C GLN A 207 7.79 8.73 16.05
N TRP A 208 8.44 8.98 14.92
CA TRP A 208 9.90 9.00 14.87
C TRP A 208 10.43 10.08 15.84
N VAL A 209 9.89 11.31 15.74
CA VAL A 209 10.23 12.46 16.60
C VAL A 209 10.09 12.10 18.09
N ILE A 210 8.88 11.67 18.50
CA ILE A 210 8.55 11.32 19.87
C ILE A 210 9.48 10.24 20.44
N GLN A 211 9.67 9.15 19.69
CA GLN A 211 10.52 8.03 20.08
C GLN A 211 11.99 8.40 20.18
N GLU A 212 12.52 9.11 19.18
CA GLU A 212 13.92 9.48 19.11
C GLU A 212 14.35 10.51 20.15
N PHE A 213 13.50 11.50 20.43
CA PHE A 213 13.78 12.60 21.34
C PHE A 213 13.05 12.50 22.67
N ARG A 214 12.34 11.38 22.91
CA ARG A 214 11.61 11.12 24.17
C ARG A 214 10.57 12.22 24.50
N LEU A 215 9.77 12.64 23.50
CA LEU A 215 8.76 13.70 23.69
C LEU A 215 7.38 13.08 23.92
N TRP A 216 7.28 12.20 24.93
CA TRP A 216 6.05 11.47 25.25
C TRP A 216 5.00 12.27 26.02
N ASP A 217 5.45 13.16 26.90
CA ASP A 217 4.62 13.87 27.88
C ASP A 217 3.29 14.50 27.47
N ASN A 218 3.20 15.14 26.29
CA ASN A 218 1.92 15.75 25.91
C ASN A 218 1.13 15.01 24.84
N GLU A 219 1.62 13.83 24.41
CA GLU A 219 1.02 13.10 23.32
C GLU A 219 -0.34 12.49 23.56
N LEU A 220 -0.61 11.98 24.78
CA LEU A 220 -1.92 11.42 25.07
C LEU A 220 -3.00 12.49 25.05
N GLN A 221 -2.62 13.70 25.46
CA GLN A 221 -3.49 14.88 25.49
C GLN A 221 -3.82 15.29 24.05
N TYR A 222 -2.82 15.34 23.16
CA TYR A 222 -3.01 15.66 21.74
C TYR A 222 -3.95 14.59 21.10
N VAL A 223 -3.70 13.27 21.41
CA VAL A 223 -4.56 12.16 20.96
C VAL A 223 -6.03 12.39 21.38
N ASP A 224 -6.25 12.74 22.66
CA ASP A 224 -7.58 13.01 23.23
C ASP A 224 -8.29 14.12 22.49
N GLN A 225 -7.56 15.16 22.10
CA GLN A 225 -8.09 16.30 21.35
C GLN A 225 -8.54 15.87 19.95
N LEU A 226 -7.69 15.12 19.22
CA LEU A 226 -8.04 14.67 17.87
C LEU A 226 -9.19 13.70 17.85
N LEU A 227 -9.31 12.85 18.90
CA LEU A 227 -10.41 11.88 19.02
C LEU A 227 -11.74 12.58 19.25
N LYS A 228 -11.72 13.75 19.95
CA LYS A 228 -12.92 14.57 20.17
C LYS A 228 -13.39 15.11 18.82
N GLU A 229 -12.43 15.53 17.97
CA GLU A 229 -12.71 16.06 16.62
C GLU A 229 -13.31 15.00 15.69
N ASP A 230 -12.70 13.80 15.65
CA ASP A 230 -13.17 12.70 14.81
C ASP A 230 -12.79 11.39 15.49
N VAL A 231 -13.76 10.79 16.18
CA VAL A 231 -13.63 9.52 16.90
C VAL A 231 -13.40 8.38 15.92
N ARG A 232 -13.70 8.62 14.65
CA ARG A 232 -13.53 7.61 13.60
C ARG A 232 -12.12 7.64 12.97
N ASN A 233 -11.24 8.57 13.41
CA ASN A 233 -9.89 8.68 12.81
C ASN A 233 -9.01 7.53 13.29
N ASN A 234 -8.83 6.51 12.44
CA ASN A 234 -8.04 5.34 12.81
C ASN A 234 -6.56 5.65 13.13
N SER A 235 -5.98 6.66 12.46
CA SER A 235 -4.58 7.04 12.71
C SER A 235 -4.40 7.52 14.15
N VAL A 236 -5.43 8.14 14.71
CA VAL A 236 -5.45 8.67 16.07
C VAL A 236 -5.57 7.54 17.10
N TRP A 237 -6.41 6.51 16.81
CA TRP A 237 -6.52 5.33 17.68
C TRP A 237 -5.17 4.61 17.66
N ASN A 238 -4.49 4.63 16.49
CA ASN A 238 -3.18 4.01 16.38
C ASN A 238 -2.17 4.77 17.25
N GLN A 239 -2.24 6.12 17.24
CA GLN A 239 -1.34 6.93 18.04
C GLN A 239 -1.54 6.68 19.53
N ARG A 240 -2.80 6.46 19.94
CA ARG A 240 -3.17 6.19 21.33
C ARG A 240 -2.45 4.95 21.82
N HIS A 241 -2.53 3.85 21.04
CA HIS A 241 -1.85 2.60 21.34
C HIS A 241 -0.33 2.81 21.33
N PHE A 242 0.19 3.58 20.34
CA PHE A 242 1.62 3.85 20.26
C PHE A 242 2.14 4.51 21.55
N VAL A 243 1.43 5.53 22.04
CA VAL A 243 1.76 6.29 23.25
C VAL A 243 1.73 5.41 24.50
N ILE A 244 0.62 4.74 24.73
CA ILE A 244 0.41 3.91 25.92
C ILE A 244 1.36 2.73 25.95
N SER A 245 1.51 2.00 24.83
CA SER A 245 2.41 0.87 24.82
C SER A 245 3.88 1.23 25.05
N ASN A 246 4.28 2.47 24.71
CA ASN A 246 5.67 2.90 24.90
C ASN A 246 5.90 3.71 26.19
N THR A 247 4.85 3.92 27.02
CA THR A 247 4.98 4.66 28.27
C THR A 247 4.65 3.72 29.46
N THR A 248 3.38 3.72 29.92
CA THR A 248 2.89 2.87 31.02
C THR A 248 2.79 1.42 30.60
N GLY A 249 2.36 1.18 29.37
CA GLY A 249 2.09 -0.16 28.88
C GLY A 249 0.65 -0.46 29.22
N TYR A 250 0.14 -1.60 28.76
CA TYR A 250 -1.24 -2.01 29.02
C TYR A 250 -1.32 -3.08 30.14
N SER A 251 -0.18 -3.42 30.75
CA SER A 251 -0.16 -4.41 31.83
C SER A 251 -0.66 -3.82 33.14
N ASP A 252 -0.47 -2.51 33.32
CA ASP A 252 -0.97 -1.74 34.45
C ASP A 252 -2.50 -1.82 34.37
N ARG A 253 -3.10 -2.47 35.38
CA ARG A 253 -4.54 -2.72 35.47
C ARG A 253 -5.39 -1.47 35.48
N ALA A 254 -4.91 -0.40 36.15
CA ALA A 254 -5.62 0.88 36.18
C ALA A 254 -5.61 1.51 34.75
N VAL A 255 -4.49 1.39 34.01
CA VAL A 255 -4.38 1.89 32.63
C VAL A 255 -5.35 1.13 31.74
N LEU A 256 -5.29 -0.22 31.79
CA LEU A 256 -6.18 -1.09 31.01
C LEU A 256 -7.65 -0.79 31.25
N GLU A 257 -8.03 -0.62 32.53
CA GLU A 257 -9.40 -0.34 32.96
C GLU A 257 -9.85 1.01 32.38
N ARG A 258 -9.00 2.03 32.52
CA ARG A 258 -9.26 3.37 32.00
C ARG A 258 -9.47 3.32 30.48
N GLU A 259 -8.64 2.54 29.77
CA GLU A 259 -8.70 2.39 28.30
C GLU A 259 -9.95 1.69 27.82
N VAL A 260 -10.29 0.57 28.47
CA VAL A 260 -11.50 -0.21 28.16
C VAL A 260 -12.76 0.63 28.43
N GLN A 261 -12.80 1.37 29.57
CA GLN A 261 -13.94 2.23 29.88
C GLN A 261 -14.07 3.34 28.86
N TYR A 262 -12.96 4.05 28.54
CA TYR A 262 -12.93 5.11 27.53
C TYR A 262 -13.46 4.58 26.21
N THR A 263 -12.98 3.39 25.78
CA THR A 263 -13.36 2.76 24.51
C THR A 263 -14.85 2.39 24.52
N LEU A 264 -15.34 1.83 25.64
CA LEU A 264 -16.75 1.46 25.77
C LEU A 264 -17.68 2.67 25.71
N GLU A 265 -17.28 3.80 26.31
CA GLU A 265 -18.04 5.05 26.23
C GLU A 265 -18.06 5.53 24.76
N MET A 266 -16.91 5.43 24.04
CA MET A 266 -16.83 5.80 22.62
C MET A 266 -17.75 4.93 21.77
N ILE A 267 -17.78 3.62 22.04
CA ILE A 267 -18.64 2.66 21.34
C ILE A 267 -20.15 3.00 21.56
N LYS A 268 -20.53 3.40 22.79
CA LYS A 268 -21.92 3.76 23.11
C LYS A 268 -22.36 4.98 22.32
N LEU A 269 -21.48 5.98 22.19
CA LEU A 269 -21.80 7.18 21.42
C LEU A 269 -21.91 6.89 19.91
N VAL A 270 -20.93 6.13 19.35
CA VAL A 270 -20.89 5.83 17.91
C VAL A 270 -20.76 4.30 17.70
N PRO A 271 -21.87 3.54 17.89
CA PRO A 271 -21.79 2.06 17.80
C PRO A 271 -21.25 1.44 16.53
N HIS A 272 -21.41 2.14 15.40
CA HIS A 272 -20.92 1.63 14.12
C HIS A 272 -19.50 2.13 13.74
N ASN A 273 -18.77 2.71 14.71
CA ASN A 273 -17.39 3.15 14.48
C ASN A 273 -16.44 1.96 14.71
N GLU A 274 -15.96 1.38 13.61
CA GLU A 274 -15.09 0.22 13.61
C GLU A 274 -13.75 0.42 14.36
N SER A 275 -13.21 1.67 14.37
CA SER A 275 -11.91 1.96 15.00
C SER A 275 -11.91 1.66 16.50
N ALA A 276 -12.94 2.11 17.22
CA ALA A 276 -13.08 1.89 18.66
C ALA A 276 -13.25 0.39 18.97
N TRP A 277 -14.00 -0.34 18.15
CA TRP A 277 -14.17 -1.79 18.28
C TRP A 277 -12.82 -2.52 18.06
N ASN A 278 -12.03 -2.09 17.03
CA ASN A 278 -10.73 -2.71 16.73
C ASN A 278 -9.75 -2.44 17.85
N TYR A 279 -9.86 -1.26 18.45
CA TYR A 279 -9.02 -0.87 19.55
C TYR A 279 -9.33 -1.68 20.82
N LEU A 280 -10.63 -1.83 21.16
CA LEU A 280 -11.06 -2.64 22.32
C LEU A 280 -10.52 -4.07 22.16
N LYS A 281 -10.67 -4.65 20.96
CA LYS A 281 -10.18 -6.00 20.66
C LYS A 281 -8.66 -6.09 20.77
N GLY A 282 -7.96 -5.14 20.14
CA GLY A 282 -6.50 -5.10 20.11
C GLY A 282 -5.85 -5.01 21.48
N ILE A 283 -6.47 -4.27 22.42
CA ILE A 283 -5.89 -4.13 23.77
C ILE A 283 -6.20 -5.31 24.71
N LEU A 284 -7.21 -6.13 24.39
CA LEU A 284 -7.63 -7.28 25.20
C LEU A 284 -7.24 -8.64 24.65
N GLN A 285 -7.12 -8.77 23.31
CA GLN A 285 -6.74 -9.99 22.59
C GLN A 285 -5.36 -10.53 23.04
N ASP A 286 -4.51 -9.62 23.57
CA ASP A 286 -3.16 -9.86 24.11
C ASP A 286 -3.18 -11.07 25.06
N ARG A 287 -3.79 -10.84 26.24
CA ARG A 287 -3.92 -11.83 27.31
C ARG A 287 -5.03 -12.84 27.01
N GLY A 288 -5.89 -12.53 26.04
CA GLY A 288 -7.00 -13.38 25.62
C GLY A 288 -8.33 -12.82 26.10
N LEU A 289 -9.30 -12.71 25.21
CA LEU A 289 -10.63 -12.18 25.53
C LEU A 289 -11.37 -12.95 26.65
N SER A 290 -11.19 -14.28 26.73
CA SER A 290 -11.80 -15.15 27.73
C SER A 290 -11.31 -14.87 29.18
N ARG A 291 -10.20 -14.14 29.32
CA ARG A 291 -9.61 -13.77 30.59
C ARG A 291 -10.49 -12.71 31.31
N TYR A 292 -11.36 -12.01 30.55
CA TYR A 292 -12.22 -10.95 31.06
C TYR A 292 -13.66 -11.43 31.05
N PRO A 293 -14.12 -12.16 32.11
CA PRO A 293 -15.49 -12.73 32.10
C PRO A 293 -16.66 -11.73 32.03
N ASN A 294 -16.52 -10.52 32.59
CA ASN A 294 -17.57 -9.51 32.58
C ASN A 294 -17.84 -8.90 31.20
N LEU A 295 -16.82 -8.88 30.33
CA LEU A 295 -16.89 -8.26 29.01
C LEU A 295 -18.06 -8.79 28.16
N LEU A 296 -18.21 -10.11 28.09
CA LEU A 296 -19.28 -10.80 27.35
C LEU A 296 -20.69 -10.33 27.77
N ASN A 297 -20.98 -10.34 29.10
CA ASN A 297 -22.28 -9.91 29.65
C ASN A 297 -22.49 -8.43 29.37
N GLN A 298 -21.43 -7.61 29.55
CA GLN A 298 -21.48 -6.17 29.30
C GLN A 298 -21.76 -5.80 27.85
N LEU A 299 -21.34 -6.66 26.90
CA LEU A 299 -21.58 -6.45 25.47
C LEU A 299 -22.95 -7.01 25.09
N LEU A 300 -23.33 -8.15 25.69
CA LEU A 300 -24.64 -8.80 25.50
C LEU A 300 -25.77 -7.88 25.99
N ASP A 301 -25.44 -6.89 26.86
CA ASP A 301 -26.37 -5.88 27.38
C ASP A 301 -26.51 -4.67 26.44
N LEU A 302 -25.77 -4.65 25.33
CA LEU A 302 -25.86 -3.61 24.30
C LEU A 302 -26.56 -4.17 23.05
N GLN A 303 -26.83 -5.51 23.03
CA GLN A 303 -27.52 -6.25 21.96
C GLN A 303 -28.83 -5.60 21.47
N PRO A 304 -29.77 -5.11 22.34
CA PRO A 304 -30.96 -4.44 21.80
C PRO A 304 -30.67 -3.01 21.33
N SER A 305 -30.06 -2.18 22.21
CA SER A 305 -29.74 -0.77 21.95
C SER A 305 -28.61 -0.51 20.92
N HIS A 306 -27.34 -0.74 21.31
CA HIS A 306 -26.15 -0.44 20.49
C HIS A 306 -25.61 -1.62 19.65
N SER A 307 -26.49 -2.31 18.89
CA SER A 307 -26.06 -3.43 18.05
C SER A 307 -25.41 -2.97 16.73
N SER A 308 -24.62 -3.88 16.13
CA SER A 308 -23.90 -3.69 14.87
C SER A 308 -23.27 -5.03 14.51
N PRO A 309 -22.81 -5.26 13.24
CA PRO A 309 -22.07 -6.50 12.98
C PRO A 309 -20.72 -6.53 13.72
N TYR A 310 -20.27 -5.36 14.30
CA TYR A 310 -19.03 -5.29 15.08
C TYR A 310 -19.23 -5.92 16.45
N LEU A 311 -20.37 -5.63 17.11
CA LEU A 311 -20.69 -6.21 18.41
C LEU A 311 -20.79 -7.73 18.28
N ILE A 312 -21.51 -8.23 17.24
CA ILE A 312 -21.74 -9.65 16.94
C ILE A 312 -20.42 -10.34 16.67
N ALA A 313 -19.56 -9.72 15.83
CA ALA A 313 -18.25 -10.22 15.48
C ALA A 313 -17.38 -10.35 16.72
N PHE A 314 -17.46 -9.37 17.65
CA PHE A 314 -16.70 -9.37 18.90
C PHE A 314 -17.15 -10.52 19.80
N LEU A 315 -18.47 -10.77 19.85
CA LEU A 315 -19.04 -11.90 20.59
C LEU A 315 -18.45 -13.21 20.11
N VAL A 316 -18.36 -13.41 18.78
CA VAL A 316 -17.75 -14.60 18.17
C VAL A 316 -16.26 -14.72 18.56
N ASP A 317 -15.53 -13.56 18.62
CA ASP A 317 -14.11 -13.55 19.04
C ASP A 317 -14.00 -13.97 20.52
N ILE A 318 -14.93 -13.51 21.38
CA ILE A 318 -14.98 -13.89 22.81
C ILE A 318 -15.19 -15.42 22.88
N TYR A 319 -16.18 -15.95 22.14
CA TYR A 319 -16.52 -17.38 22.10
C TYR A 319 -15.37 -18.25 21.59
N GLU A 320 -14.67 -17.82 20.52
CA GLU A 320 -13.50 -18.52 19.98
C GLU A 320 -12.48 -18.71 21.11
N ASP A 321 -12.14 -17.62 21.84
CA ASP A 321 -11.15 -17.65 22.94
C ASP A 321 -11.57 -18.53 24.10
N MET A 322 -12.88 -18.52 24.47
CA MET A 322 -13.44 -19.34 25.55
C MET A 322 -13.29 -20.79 25.19
N LEU A 323 -13.58 -21.16 23.92
CA LEU A 323 -13.45 -22.50 23.36
C LEU A 323 -11.99 -23.00 23.32
N GLU A 324 -11.01 -22.08 23.24
CA GLU A 324 -9.58 -22.42 23.23
C GLU A 324 -9.03 -22.55 24.66
N ASN A 325 -9.74 -21.97 25.65
CA ASN A 325 -9.31 -21.98 27.06
C ASN A 325 -10.18 -22.82 28.00
N GLN A 326 -10.71 -23.96 27.48
CA GLN A 326 -11.51 -24.96 28.19
C GLN A 326 -12.58 -24.36 29.10
N CYS A 327 -13.57 -23.68 28.50
CA CYS A 327 -14.66 -23.01 29.21
C CYS A 327 -15.76 -23.97 29.64
N ASP A 328 -16.59 -23.54 30.61
CA ASP A 328 -17.76 -24.27 31.10
C ASP A 328 -18.86 -24.12 30.03
N ASN A 329 -19.71 -25.16 29.88
CA ASN A 329 -20.81 -25.22 28.90
C ASN A 329 -20.24 -25.11 27.47
N LYS A 330 -19.19 -25.88 27.20
CA LYS A 330 -18.44 -25.92 25.93
C LYS A 330 -19.33 -26.03 24.69
N GLU A 331 -20.27 -27.01 24.69
CA GLU A 331 -21.19 -27.26 23.58
C GLU A 331 -22.19 -26.13 23.35
N ASP A 332 -22.61 -25.45 24.45
CA ASP A 332 -23.52 -24.31 24.44
C ASP A 332 -22.81 -23.07 23.80
N ILE A 333 -21.54 -22.83 24.16
CA ILE A 333 -20.71 -21.73 23.64
C ILE A 333 -20.52 -21.91 22.13
N LEU A 334 -20.13 -23.13 21.71
CA LEU A 334 -19.94 -23.48 20.31
C LEU A 334 -21.18 -23.18 19.46
N ASN A 335 -22.37 -23.62 19.91
CA ASN A 335 -23.61 -23.41 19.19
C ASN A 335 -23.98 -21.94 19.14
N LYS A 336 -23.72 -21.17 20.22
CA LYS A 336 -23.92 -19.72 20.29
C LYS A 336 -23.05 -19.05 19.20
N ALA A 337 -21.74 -19.40 19.16
CA ALA A 337 -20.76 -18.92 18.19
C ALA A 337 -21.19 -19.27 16.76
N LEU A 338 -21.57 -20.56 16.49
CA LEU A 338 -21.97 -21.02 15.16
C LEU A 338 -23.22 -20.32 14.64
N GLU A 339 -24.14 -19.93 15.56
CA GLU A 339 -25.40 -19.23 15.27
C GLU A 339 -25.05 -17.81 14.77
N LEU A 340 -24.12 -17.14 15.50
CA LEU A 340 -23.67 -15.79 15.16
C LEU A 340 -22.92 -15.79 13.84
N CYS A 341 -22.10 -16.83 13.58
CA CYS A 341 -21.39 -16.99 12.30
C CYS A 341 -22.37 -17.06 11.13
N GLU A 342 -23.46 -17.85 11.28
CA GLU A 342 -24.49 -18.02 10.27
C GLU A 342 -25.25 -16.70 10.04
N ILE A 343 -25.65 -16.00 11.12
CA ILE A 343 -26.33 -14.70 11.09
C ILE A 343 -25.45 -13.67 10.31
N LEU A 344 -24.13 -13.62 10.61
CA LEU A 344 -23.15 -12.76 9.97
C LEU A 344 -23.00 -13.06 8.49
N ALA A 345 -22.81 -14.36 8.15
CA ALA A 345 -22.64 -14.80 6.78
C ALA A 345 -23.84 -14.61 5.88
N LYS A 346 -25.06 -14.82 6.42
CA LYS A 346 -26.31 -14.78 5.67
C LYS A 346 -27.06 -13.47 5.74
N GLU A 347 -26.92 -12.74 6.83
CA GLU A 347 -27.68 -11.53 7.04
C GLU A 347 -26.90 -10.25 7.35
N LYS A 348 -26.20 -10.21 8.48
CA LYS A 348 -25.57 -8.99 8.99
C LYS A 348 -24.23 -8.54 8.43
N ASP A 349 -23.52 -9.43 7.72
CA ASP A 349 -22.17 -9.11 7.23
C ASP A 349 -21.81 -10.00 6.08
N THR A 350 -22.69 -10.05 5.08
CA THR A 350 -22.58 -10.93 3.89
C THR A 350 -21.37 -10.64 3.00
N ILE A 351 -20.83 -9.39 3.03
CA ILE A 351 -19.60 -9.10 2.24
C ILE A 351 -18.49 -10.05 2.76
N ARG A 352 -18.53 -10.38 4.07
CA ARG A 352 -17.60 -11.30 4.73
C ARG A 352 -18.13 -12.76 4.90
N LYS A 353 -19.13 -13.16 4.06
CA LYS A 353 -19.70 -14.51 4.08
C LYS A 353 -18.64 -15.61 4.07
N GLU A 354 -17.61 -15.50 3.20
CA GLU A 354 -16.54 -16.52 3.09
C GLU A 354 -15.68 -16.59 4.35
N TYR A 355 -15.46 -15.45 4.99
CA TYR A 355 -14.70 -15.38 6.22
C TYR A 355 -15.49 -16.05 7.35
N TRP A 356 -16.77 -15.65 7.53
CA TRP A 356 -17.68 -16.17 8.56
C TRP A 356 -17.99 -17.66 8.42
N ARG A 357 -18.02 -18.16 7.19
CA ARG A 357 -18.21 -19.58 6.90
C ARG A 357 -16.93 -20.32 7.24
N TYR A 358 -15.77 -19.70 6.96
CA TYR A 358 -14.47 -20.28 7.31
C TYR A 358 -14.38 -20.42 8.82
N ILE A 359 -14.73 -19.37 9.57
CA ILE A 359 -14.68 -19.39 11.04
C ILE A 359 -15.63 -20.49 11.60
N GLY A 360 -16.82 -20.62 11.00
CA GLY A 360 -17.85 -21.60 11.37
C GLY A 360 -17.31 -23.00 11.27
N ARG A 361 -16.75 -23.35 10.10
CA ARG A 361 -16.12 -24.63 9.82
C ARG A 361 -14.94 -24.88 10.75
N SER A 362 -14.10 -23.86 10.97
CA SER A 362 -12.92 -23.91 11.84
C SER A 362 -13.28 -24.26 13.30
N LEU A 363 -14.31 -23.61 13.85
CA LEU A 363 -14.83 -23.79 15.21
C LEU A 363 -15.39 -25.20 15.39
N GLN A 364 -16.09 -25.70 14.35
CA GLN A 364 -16.70 -27.03 14.31
C GLN A 364 -15.57 -28.03 14.35
N SER A 365 -14.63 -27.94 13.38
CA SER A 365 -13.46 -28.82 13.27
C SER A 365 -12.63 -28.94 14.56
N LYS A 366 -12.48 -27.84 15.31
CA LYS A 366 -11.70 -27.76 16.55
C LYS A 366 -12.49 -28.13 17.82
N HIS A 367 -13.73 -27.64 17.95
CA HIS A 367 -14.46 -27.79 19.20
C HIS A 367 -15.69 -28.68 19.26
N SER A 368 -16.03 -29.41 18.16
CA SER A 368 -17.18 -30.33 18.07
C SER A 368 -17.29 -31.28 19.25
N GLU B 21 -30.87 -8.35 -8.04
CA GLU B 21 -30.96 -9.22 -9.21
C GLU B 21 -29.73 -10.20 -9.31
N PRO B 22 -29.17 -10.67 -10.48
CA PRO B 22 -27.98 -11.55 -10.39
C PRO B 22 -26.71 -10.82 -9.90
N LEU B 23 -26.71 -9.46 -9.90
CA LEU B 23 -25.57 -8.68 -9.43
C LEU B 23 -25.82 -8.28 -8.00
N TYR B 24 -24.91 -8.72 -7.12
CA TYR B 24 -24.92 -8.52 -5.68
C TYR B 24 -25.14 -7.06 -5.29
N SER B 25 -24.43 -6.14 -5.95
CA SER B 25 -24.51 -4.71 -5.65
C SER B 25 -25.83 -4.07 -6.04
N LEU B 26 -26.61 -4.73 -6.91
CA LEU B 26 -27.88 -4.20 -7.41
C LEU B 26 -29.11 -4.82 -6.75
N ARG B 27 -28.92 -5.74 -5.76
CA ARG B 27 -30.01 -6.38 -5.02
C ARG B 27 -30.71 -5.36 -4.12
N PRO B 28 -32.04 -5.43 -3.90
CA PRO B 28 -32.71 -4.44 -3.03
C PRO B 28 -32.17 -4.38 -1.61
N GLU B 29 -31.79 -5.54 -1.06
CA GLU B 29 -31.22 -5.65 0.29
C GLU B 29 -29.87 -4.91 0.44
N HIS B 30 -29.19 -4.65 -0.68
CA HIS B 30 -27.89 -3.95 -0.70
C HIS B 30 -27.98 -2.50 -0.14
N ALA B 31 -29.18 -1.88 -0.19
CA ALA B 31 -29.45 -0.54 0.35
C ALA B 31 -29.18 -0.50 1.88
N ARG B 32 -29.36 -1.64 2.57
CA ARG B 32 -29.10 -1.79 4.02
C ARG B 32 -27.60 -1.65 4.36
N GLU B 33 -26.71 -1.82 3.36
CA GLU B 33 -25.25 -1.73 3.53
C GLU B 33 -24.72 -0.30 3.57
N ARG B 34 -25.59 0.72 3.35
CA ARG B 34 -25.22 2.14 3.42
C ARG B 34 -24.74 2.52 4.81
N LEU B 35 -23.90 3.56 4.90
CA LEU B 35 -23.33 4.05 6.14
C LEU B 35 -24.34 4.37 7.24
N GLN B 36 -24.09 3.88 8.46
CA GLN B 36 -24.88 4.20 9.63
C GLN B 36 -24.00 5.06 10.48
N ASP B 37 -24.21 6.37 10.39
CA ASP B 37 -23.42 7.39 11.09
C ASP B 37 -23.82 7.66 12.55
N ASP B 38 -24.84 6.94 13.07
CA ASP B 38 -25.33 7.06 14.47
C ASP B 38 -25.68 8.51 14.88
N SER B 39 -26.08 9.33 13.90
CA SER B 39 -26.38 10.76 14.06
C SER B 39 -25.17 11.57 14.60
N VAL B 40 -23.95 10.97 14.54
CA VAL B 40 -22.71 11.63 14.95
C VAL B 40 -21.88 11.81 13.67
N GLU B 41 -21.87 13.05 13.15
CA GLU B 41 -21.15 13.37 11.92
C GLU B 41 -19.73 13.85 12.19
N THR B 42 -18.77 13.32 11.44
CA THR B 42 -17.36 13.73 11.51
C THR B 42 -16.84 13.73 10.09
N VAL B 43 -15.63 14.28 9.86
CA VAL B 43 -15.00 14.29 8.53
C VAL B 43 -15.05 12.89 7.89
N THR B 44 -14.73 11.83 8.67
CA THR B 44 -14.77 10.45 8.18
C THR B 44 -16.16 10.05 7.61
N SER B 45 -17.23 10.20 8.41
CA SER B 45 -18.59 9.81 7.99
C SER B 45 -19.08 10.63 6.78
N ILE B 46 -18.79 11.92 6.78
CA ILE B 46 -19.13 12.87 5.70
C ILE B 46 -18.46 12.44 4.40
N GLU B 47 -17.13 12.17 4.44
CA GLU B 47 -16.40 11.74 3.25
C GLU B 47 -16.87 10.40 2.73
N GLN B 48 -17.18 9.46 3.64
CA GLN B 48 -17.68 8.12 3.29
C GLN B 48 -19.07 8.21 2.61
N ALA B 49 -19.98 9.02 3.19
CA ALA B 49 -21.35 9.22 2.69
C ALA B 49 -21.34 9.77 1.27
N LYS B 50 -20.43 10.72 0.96
CA LYS B 50 -20.25 11.30 -0.39
C LYS B 50 -19.86 10.24 -1.42
N VAL B 51 -18.89 9.38 -1.07
CA VAL B 51 -18.44 8.29 -1.93
C VAL B 51 -19.61 7.30 -2.16
N GLU B 52 -20.34 6.94 -1.09
CA GLU B 52 -21.47 6.02 -1.17
C GLU B 52 -22.58 6.56 -2.07
N GLU B 53 -22.91 7.87 -1.97
CA GLU B 53 -23.92 8.49 -2.83
C GLU B 53 -23.47 8.38 -4.31
N LYS B 54 -22.18 8.66 -4.57
CA LYS B 54 -21.62 8.58 -5.92
C LYS B 54 -21.66 7.16 -6.50
N ILE B 55 -21.36 6.14 -5.67
CA ILE B 55 -21.35 4.71 -6.05
C ILE B 55 -22.80 4.25 -6.30
N GLN B 56 -23.73 4.66 -5.43
CA GLN B 56 -25.15 4.34 -5.53
C GLN B 56 -25.72 4.86 -6.87
N GLU B 57 -25.26 6.05 -7.32
CA GLU B 57 -25.65 6.62 -8.62
C GLU B 57 -25.17 5.72 -9.74
N VAL B 58 -23.92 5.19 -9.64
CA VAL B 58 -23.37 4.27 -10.63
C VAL B 58 -24.18 2.98 -10.63
N PHE B 59 -24.45 2.42 -9.43
CA PHE B 59 -25.20 1.18 -9.27
C PHE B 59 -26.64 1.30 -9.82
N SER B 60 -27.31 2.43 -9.53
CA SER B 60 -28.68 2.73 -9.94
C SER B 60 -28.85 3.10 -11.43
N SER B 61 -27.78 3.55 -12.11
CA SER B 61 -27.81 4.02 -13.50
C SER B 61 -28.60 3.15 -14.47
N TYR B 62 -28.48 1.81 -14.34
CA TYR B 62 -29.20 0.83 -15.16
C TYR B 62 -30.70 0.98 -14.98
N LYS B 63 -31.14 0.99 -13.70
CA LYS B 63 -32.53 1.17 -13.30
C LYS B 63 -33.08 2.50 -13.82
N PHE B 64 -32.30 3.59 -13.68
CA PHE B 64 -32.73 4.92 -14.12
C PHE B 64 -32.82 5.09 -15.64
N ASN B 65 -31.93 4.41 -16.39
CA ASN B 65 -31.93 4.46 -17.85
C ASN B 65 -32.76 3.33 -18.51
N HIS B 66 -33.36 2.43 -17.69
CA HIS B 66 -34.20 1.30 -18.12
C HIS B 66 -33.48 0.37 -19.11
N LEU B 67 -32.28 -0.05 -18.69
CA LEU B 67 -31.43 -0.93 -19.47
C LEU B 67 -31.06 -2.15 -18.63
N VAL B 68 -30.78 -3.27 -19.29
CA VAL B 68 -30.36 -4.49 -18.60
C VAL B 68 -28.86 -4.28 -18.26
N PRO B 69 -28.46 -4.44 -16.96
CA PRO B 69 -27.03 -4.32 -16.61
C PRO B 69 -26.15 -5.27 -17.43
N ARG B 70 -25.03 -4.76 -17.95
CA ARG B 70 -24.12 -5.55 -18.75
C ARG B 70 -22.70 -5.20 -18.31
N LEU B 71 -22.03 -6.15 -17.65
CA LEU B 71 -20.69 -5.94 -17.13
C LEU B 71 -19.67 -6.37 -18.13
N VAL B 72 -19.08 -5.37 -18.79
CA VAL B 72 -18.13 -5.57 -19.86
C VAL B 72 -16.77 -4.90 -19.56
N LEU B 73 -15.71 -5.71 -19.59
CA LEU B 73 -14.37 -5.18 -19.46
C LEU B 73 -14.06 -4.65 -20.85
N GLN B 74 -13.81 -3.35 -20.93
CA GLN B 74 -13.53 -2.64 -22.17
C GLN B 74 -12.11 -2.90 -22.68
N ARG B 75 -11.82 -4.17 -23.01
CA ARG B 75 -10.51 -4.66 -23.46
C ARG B 75 -9.85 -3.83 -24.51
N GLU B 76 -10.61 -3.46 -25.56
CA GLU B 76 -10.06 -2.74 -26.69
C GLU B 76 -9.67 -1.32 -26.35
N LYS B 77 -10.50 -0.64 -25.54
CA LYS B 77 -10.21 0.71 -25.05
C LYS B 77 -8.94 0.66 -24.15
N HIS B 78 -8.87 -0.34 -23.22
CA HIS B 78 -7.72 -0.51 -22.31
C HIS B 78 -6.45 -0.79 -23.11
N PHE B 79 -6.53 -1.67 -24.11
CA PHE B 79 -5.40 -1.98 -24.97
C PHE B 79 -4.88 -0.76 -25.72
N HIS B 80 -5.76 0.07 -26.29
CA HIS B 80 -5.36 1.28 -27.02
C HIS B 80 -4.58 2.21 -26.10
N TYR B 81 -5.15 2.49 -24.91
CA TYR B 81 -4.55 3.32 -23.84
C TYR B 81 -3.15 2.79 -23.47
N LEU B 82 -3.02 1.48 -23.29
CA LEU B 82 -1.77 0.80 -22.93
C LEU B 82 -0.71 0.77 -24.01
N LYS B 83 -1.07 0.35 -25.26
CA LYS B 83 -0.11 0.31 -26.36
C LYS B 83 0.52 1.68 -26.63
N ARG B 84 -0.29 2.75 -26.51
CA ARG B 84 0.18 4.12 -26.69
C ARG B 84 1.15 4.53 -25.54
N GLY B 85 0.67 4.39 -24.29
CA GLY B 85 1.43 4.72 -23.09
C GLY B 85 2.79 4.04 -23.03
N LEU B 86 2.91 2.82 -23.59
CA LEU B 86 4.17 2.09 -23.64
C LEU B 86 5.22 2.83 -24.44
N ARG B 87 4.80 3.63 -25.46
CA ARG B 87 5.77 4.38 -26.25
C ARG B 87 5.88 5.78 -25.77
N GLN B 88 4.75 6.44 -25.50
CA GLN B 88 4.80 7.86 -25.18
C GLN B 88 3.71 8.33 -24.23
N LEU B 89 4.07 9.29 -23.37
CA LEU B 89 3.21 9.83 -22.33
C LEU B 89 3.17 11.33 -22.34
N THR B 90 2.04 11.91 -21.93
CA THR B 90 1.88 13.37 -21.83
C THR B 90 2.68 13.92 -20.65
N ASP B 91 2.81 15.27 -20.56
CA ASP B 91 3.53 15.91 -19.48
C ASP B 91 2.83 15.78 -18.12
N ALA B 92 1.63 15.16 -18.08
CA ALA B 92 0.92 14.88 -16.83
C ALA B 92 1.77 13.85 -16.04
N TYR B 93 2.62 13.10 -16.77
CA TYR B 93 3.51 12.06 -16.27
C TYR B 93 4.87 12.55 -15.85
N GLU B 94 5.07 13.89 -15.83
CA GLU B 94 6.34 14.49 -15.39
C GLU B 94 6.66 14.10 -13.94
N CYS B 95 5.61 13.93 -13.10
CA CYS B 95 5.71 13.56 -11.70
C CYS B 95 6.19 12.08 -11.57
N LEU B 96 6.22 11.34 -12.69
CA LEU B 96 6.71 9.95 -12.76
C LEU B 96 8.01 9.82 -13.58
N ASP B 97 8.72 10.96 -13.76
CA ASP B 97 10.03 11.01 -14.46
C ASP B 97 11.13 10.17 -13.71
N ALA B 98 10.98 9.97 -12.37
CA ALA B 98 11.93 9.13 -11.61
C ALA B 98 11.26 7.74 -11.33
N SER B 99 10.29 7.35 -12.15
CA SER B 99 9.56 6.09 -11.99
C SER B 99 9.33 5.38 -13.31
N ARG B 100 10.21 5.59 -14.27
CA ARG B 100 10.02 4.99 -15.59
C ARG B 100 9.96 3.48 -15.64
N PRO B 101 10.79 2.72 -14.86
CA PRO B 101 10.60 1.26 -14.83
C PRO B 101 9.24 0.89 -14.25
N TRP B 102 8.65 1.71 -13.35
CA TRP B 102 7.28 1.41 -12.86
C TRP B 102 6.31 1.48 -14.02
N LEU B 103 6.43 2.50 -14.87
CA LEU B 103 5.55 2.62 -16.04
C LEU B 103 5.69 1.45 -17.00
N CYS B 104 6.93 0.92 -17.23
CA CYS B 104 7.16 -0.29 -18.03
C CYS B 104 6.40 -1.43 -17.40
N TYR B 105 6.63 -1.66 -16.08
CA TYR B 105 5.97 -2.73 -15.35
C TYR B 105 4.43 -2.63 -15.39
N TRP B 106 3.87 -1.47 -15.01
CA TRP B 106 2.42 -1.31 -14.98
C TRP B 106 1.77 -1.64 -16.32
N ILE B 107 2.33 -1.08 -17.42
CA ILE B 107 1.81 -1.27 -18.78
C ILE B 107 1.99 -2.71 -19.27
N LEU B 108 3.25 -3.22 -19.26
CA LEU B 108 3.54 -4.60 -19.68
C LEU B 108 2.69 -5.64 -18.92
N HIS B 109 2.45 -5.43 -17.61
CA HIS B 109 1.64 -6.37 -16.82
C HIS B 109 0.15 -6.25 -17.15
N SER B 110 -0.32 -5.01 -17.39
CA SER B 110 -1.71 -4.80 -17.77
C SER B 110 -1.96 -5.51 -19.16
N LEU B 111 -0.99 -5.41 -20.07
CA LEU B 111 -1.03 -6.05 -21.40
C LEU B 111 -0.98 -7.57 -21.30
N GLU B 112 -0.26 -8.10 -20.31
CA GLU B 112 -0.15 -9.53 -20.03
C GLU B 112 -1.46 -10.07 -19.45
N LEU B 113 -2.12 -9.29 -18.58
CA LEU B 113 -3.40 -9.71 -17.99
C LEU B 113 -4.50 -9.73 -19.06
N LEU B 114 -4.42 -8.83 -20.04
CA LEU B 114 -5.35 -8.71 -21.16
C LEU B 114 -4.98 -9.65 -22.35
N ASP B 115 -4.01 -10.56 -22.14
CA ASP B 115 -3.56 -11.55 -23.14
C ASP B 115 -3.03 -10.90 -24.44
N GLU B 116 -2.45 -9.71 -24.32
CA GLU B 116 -1.91 -8.95 -25.43
C GLU B 116 -0.44 -9.26 -25.63
N PRO B 117 0.00 -9.59 -26.85
CA PRO B 117 1.41 -9.96 -27.03
C PRO B 117 2.34 -8.77 -27.17
N ILE B 118 3.60 -8.98 -26.77
CA ILE B 118 4.65 -7.98 -26.86
C ILE B 118 5.40 -8.27 -28.16
N PRO B 119 5.33 -7.39 -29.19
CA PRO B 119 6.13 -7.62 -30.40
C PRO B 119 7.61 -7.69 -30.00
N GLN B 120 8.34 -8.64 -30.57
CA GLN B 120 9.75 -8.86 -30.27
C GLN B 120 10.60 -7.60 -30.35
N ILE B 121 10.20 -6.64 -31.21
CA ILE B 121 10.87 -5.35 -31.33
C ILE B 121 10.65 -4.48 -30.06
N VAL B 122 9.40 -4.44 -29.54
CA VAL B 122 9.02 -3.72 -28.33
C VAL B 122 9.77 -4.34 -27.14
N ALA B 123 9.77 -5.69 -27.02
CA ALA B 123 10.47 -6.44 -25.97
C ALA B 123 11.94 -6.00 -25.93
N THR B 124 12.59 -5.93 -27.12
CA THR B 124 13.95 -5.45 -27.31
C THR B 124 14.13 -3.98 -26.89
N ASP B 125 13.20 -3.08 -27.28
CA ASP B 125 13.26 -1.65 -26.89
C ASP B 125 13.12 -1.44 -25.37
N VAL B 126 12.31 -2.28 -24.71
CA VAL B 126 12.12 -2.23 -23.25
C VAL B 126 13.42 -2.66 -22.56
N CYS B 127 14.01 -3.80 -23.03
CA CYS B 127 15.29 -4.33 -22.55
C CYS B 127 16.34 -3.27 -22.60
N GLN B 128 16.50 -2.61 -23.77
CA GLN B 128 17.50 -1.58 -23.98
C GLN B 128 17.29 -0.37 -23.07
N PHE B 129 16.03 0.05 -22.86
CA PHE B 129 15.72 1.18 -21.98
C PHE B 129 16.04 0.83 -20.50
N LEU B 130 15.69 -0.37 -20.06
CA LEU B 130 15.97 -0.84 -18.70
C LEU B 130 17.48 -1.01 -18.46
N GLU B 131 18.25 -1.30 -19.53
CA GLU B 131 19.72 -1.35 -19.47
C GLU B 131 20.23 0.02 -19.12
N LEU B 132 19.66 1.09 -19.71
CA LEU B 132 20.05 2.48 -19.45
C LEU B 132 19.73 2.94 -18.04
N CYS B 133 18.66 2.38 -17.44
CA CYS B 133 18.24 2.66 -16.06
C CYS B 133 19.14 1.91 -15.08
N GLN B 134 19.75 0.78 -15.50
CA GLN B 134 20.61 -0.02 -14.61
C GLN B 134 21.86 0.74 -14.17
N SER B 135 22.13 0.73 -12.87
CA SER B 135 23.29 1.40 -12.29
C SER B 135 24.55 0.53 -12.43
N PRO B 136 25.74 1.12 -12.72
CA PRO B 136 26.97 0.29 -12.77
C PRO B 136 27.32 -0.36 -11.41
N ASP B 137 26.75 0.19 -10.32
CA ASP B 137 26.92 -0.33 -8.95
C ASP B 137 25.82 -1.37 -8.53
N GLY B 138 24.91 -1.72 -9.45
CA GLY B 138 23.84 -2.66 -9.17
C GLY B 138 22.49 -2.00 -8.95
N GLY B 139 21.43 -2.73 -9.23
CA GLY B 139 20.09 -2.19 -9.10
C GLY B 139 19.75 -1.24 -10.25
N PHE B 140 18.50 -0.74 -10.26
CA PHE B 140 18.04 0.16 -11.30
C PHE B 140 17.58 1.47 -10.72
N GLY B 141 17.76 2.55 -11.49
CA GLY B 141 17.27 3.87 -11.16
C GLY B 141 15.92 4.10 -11.82
N GLY B 142 15.26 5.22 -11.48
CA GLY B 142 13.94 5.54 -12.05
C GLY B 142 13.93 6.07 -13.48
N GLY B 143 15.11 6.10 -14.10
CA GLY B 143 15.34 6.60 -15.45
C GLY B 143 16.83 6.56 -15.76
N PRO B 144 17.20 6.81 -17.05
CA PRO B 144 18.62 6.73 -17.43
C PRO B 144 19.51 7.69 -16.66
N GLY B 145 20.56 7.16 -16.02
CA GLY B 145 21.50 7.95 -15.21
C GLY B 145 21.04 8.30 -13.81
N GLN B 146 19.84 7.86 -13.42
CA GLN B 146 19.38 8.16 -12.08
C GLN B 146 20.03 7.19 -11.11
N TYR B 147 20.18 7.57 -9.87
CA TYR B 147 20.77 6.67 -8.87
C TYR B 147 19.87 5.44 -8.66
N PRO B 148 20.43 4.26 -8.28
CA PRO B 148 19.59 3.08 -8.07
C PRO B 148 18.66 3.24 -6.87
N HIS B 149 17.54 2.56 -6.90
CA HIS B 149 16.54 2.63 -5.83
C HIS B 149 15.80 1.28 -5.87
N LEU B 150 15.35 0.75 -4.71
CA LEU B 150 14.64 -0.57 -4.71
C LEU B 150 13.33 -0.62 -5.46
N ALA B 151 12.56 0.50 -5.47
CA ALA B 151 11.26 0.48 -6.17
C ALA B 151 11.42 0.35 -7.70
N PRO B 152 12.23 1.17 -8.44
CA PRO B 152 12.45 0.88 -9.88
C PRO B 152 13.25 -0.43 -10.11
N THR B 153 14.07 -0.90 -9.12
CA THR B 153 14.77 -2.19 -9.25
C THR B 153 13.73 -3.30 -9.29
N TYR B 154 12.74 -3.27 -8.39
CA TYR B 154 11.64 -4.27 -8.36
C TYR B 154 10.85 -4.22 -9.67
N ALA B 155 10.47 -3.00 -10.09
CA ALA B 155 9.70 -2.78 -11.31
C ALA B 155 10.48 -3.25 -12.54
N ALA B 156 11.80 -2.93 -12.62
CA ALA B 156 12.62 -3.33 -13.77
C ALA B 156 12.77 -4.85 -13.88
N VAL B 157 13.04 -5.53 -12.76
CA VAL B 157 13.18 -7.00 -12.74
C VAL B 157 11.84 -7.67 -13.11
N ASN B 158 10.72 -7.15 -12.57
CA ASN B 158 9.39 -7.65 -12.89
C ASN B 158 9.07 -7.49 -14.38
N ALA B 159 9.37 -6.32 -14.95
CA ALA B 159 9.14 -6.01 -16.36
C ALA B 159 10.01 -6.95 -17.24
N LEU B 160 11.31 -7.10 -16.90
CA LEU B 160 12.20 -8.01 -17.63
C LEU B 160 11.73 -9.47 -17.58
N CYS B 161 11.14 -9.92 -16.44
CA CYS B 161 10.59 -11.27 -16.29
C CYS B 161 9.30 -11.45 -17.06
N ILE B 162 8.50 -10.37 -17.24
CA ILE B 162 7.29 -10.39 -18.06
C ILE B 162 7.71 -10.64 -19.53
N ILE B 163 8.74 -9.91 -20.02
CA ILE B 163 9.28 -10.14 -21.37
C ILE B 163 9.78 -11.62 -21.41
N GLY B 164 10.64 -11.97 -20.47
CA GLY B 164 11.08 -13.35 -20.28
C GLY B 164 11.88 -13.97 -21.41
N THR B 165 12.59 -13.16 -22.16
CA THR B 165 13.48 -13.65 -23.23
C THR B 165 14.86 -13.78 -22.61
N GLU B 166 15.81 -14.43 -23.33
CA GLU B 166 17.20 -14.58 -22.87
C GLU B 166 17.84 -13.22 -22.79
N GLU B 167 17.53 -12.35 -23.76
CA GLU B 167 17.97 -10.96 -23.81
C GLU B 167 17.48 -10.20 -22.56
N ALA B 168 16.20 -10.38 -22.16
CA ALA B 168 15.63 -9.70 -20.99
C ALA B 168 16.34 -10.15 -19.70
N TYR B 169 16.50 -11.49 -19.53
CA TYR B 169 17.20 -12.10 -18.38
C TYR B 169 18.64 -11.58 -18.26
N ASN B 170 19.35 -11.47 -19.42
CA ASN B 170 20.75 -11.01 -19.47
C ASN B 170 20.99 -9.58 -19.13
N VAL B 171 19.96 -8.72 -19.19
CA VAL B 171 20.08 -7.31 -18.82
C VAL B 171 20.55 -7.22 -17.36
N ILE B 172 19.93 -8.02 -16.46
CA ILE B 172 20.24 -8.01 -15.04
C ILE B 172 21.67 -8.43 -14.69
N ASN B 173 22.45 -7.51 -14.10
CA ASN B 173 23.78 -7.78 -13.59
C ASN B 173 23.56 -8.31 -12.16
N ARG B 174 23.49 -9.64 -12.04
CA ARG B 174 23.21 -10.38 -10.82
C ARG B 174 24.20 -10.17 -9.66
N GLU B 175 25.50 -10.07 -9.97
CA GLU B 175 26.58 -9.86 -9.00
C GLU B 175 26.47 -8.45 -8.42
N LYS B 176 26.29 -7.44 -9.28
CA LYS B 176 26.12 -6.06 -8.83
C LYS B 176 24.77 -5.89 -8.11
N LEU B 177 23.76 -6.65 -8.51
CA LEU B 177 22.45 -6.58 -7.84
C LEU B 177 22.56 -7.04 -6.37
N LEU B 178 23.27 -8.15 -6.14
CA LEU B 178 23.50 -8.71 -4.82
C LEU B 178 24.31 -7.73 -3.96
N GLN B 179 25.38 -7.17 -4.55
CA GLN B 179 26.21 -6.16 -3.90
C GLN B 179 25.34 -4.99 -3.50
N TYR B 180 24.47 -4.53 -4.43
CA TYR B 180 23.52 -3.44 -4.16
C TYR B 180 22.60 -3.77 -2.97
N LEU B 181 21.99 -4.97 -2.94
CA LEU B 181 21.09 -5.37 -1.83
C LEU B 181 21.81 -5.37 -0.50
N TYR B 182 23.05 -5.92 -0.47
CA TYR B 182 23.93 -5.89 0.71
C TYR B 182 24.24 -4.48 1.16
N SER B 183 24.39 -3.52 0.23
CA SER B 183 24.68 -2.11 0.58
C SER B 183 23.50 -1.43 1.28
N LEU B 184 22.28 -1.97 1.10
CA LEU B 184 21.07 -1.40 1.72
C LEU B 184 20.67 -2.09 3.04
N LYS B 185 21.18 -3.30 3.25
CA LYS B 185 20.90 -4.13 4.41
C LYS B 185 21.32 -3.43 5.71
N GLN B 186 20.39 -3.36 6.70
CA GLN B 186 20.60 -2.73 8.00
C GLN B 186 20.83 -3.80 9.08
N PRO B 187 21.53 -3.47 10.17
CA PRO B 187 21.76 -4.46 11.24
C PRO B 187 20.48 -5.00 11.91
N ASP B 188 19.37 -4.23 11.93
CA ASP B 188 18.09 -4.67 12.51
C ASP B 188 17.25 -5.61 11.61
N GLY B 189 17.78 -5.99 10.44
CA GLY B 189 17.10 -6.85 9.50
C GLY B 189 16.37 -6.13 8.38
N SER B 190 16.21 -4.81 8.50
CA SER B 190 15.52 -4.00 7.48
C SER B 190 16.43 -3.63 6.30
N PHE B 191 15.86 -2.98 5.28
CA PHE B 191 16.61 -2.50 4.11
C PHE B 191 16.28 -1.05 3.87
N LEU B 192 17.26 -0.28 3.44
CA LEU B 192 16.99 1.09 2.98
C LEU B 192 16.35 0.94 1.56
N MET B 193 15.51 1.91 1.11
CA MET B 193 14.96 1.93 -0.25
C MET B 193 16.07 2.26 -1.25
N HIS B 194 17.03 3.08 -0.82
CA HIS B 194 18.22 3.54 -1.57
C HIS B 194 19.24 4.08 -0.55
N VAL B 195 20.50 4.32 -0.97
CA VAL B 195 21.59 4.86 -0.15
C VAL B 195 21.14 6.25 0.33
N GLY B 196 21.26 6.49 1.63
CA GLY B 196 20.83 7.73 2.25
C GLY B 196 19.33 7.91 2.19
N GLY B 197 18.61 6.79 2.01
CA GLY B 197 17.17 6.80 1.87
C GLY B 197 16.44 6.32 3.11
N GLU B 198 15.18 6.04 2.90
CA GLU B 198 14.24 5.65 3.92
C GLU B 198 14.07 4.12 4.10
N VAL B 199 13.73 3.70 5.29
CA VAL B 199 13.47 2.30 5.61
C VAL B 199 11.97 2.14 5.81
N ASP B 200 11.39 1.14 5.15
CA ASP B 200 9.98 0.74 5.37
C ASP B 200 9.79 -0.65 4.81
N VAL B 201 8.65 -1.31 5.13
CA VAL B 201 8.36 -2.68 4.70
C VAL B 201 8.45 -2.90 3.17
N ARG B 202 8.18 -1.88 2.34
CA ARG B 202 8.25 -2.03 0.89
C ARG B 202 9.63 -2.56 0.48
N SER B 203 10.69 -2.05 1.12
CA SER B 203 12.09 -2.38 0.80
C SER B 203 12.41 -3.86 0.98
N ALA B 204 11.89 -4.47 2.06
CA ALA B 204 12.04 -5.90 2.35
C ALA B 204 11.40 -6.70 1.22
N TYR B 205 10.19 -6.29 0.79
CA TYR B 205 9.50 -6.93 -0.33
C TYR B 205 10.24 -6.73 -1.66
N CYS B 206 10.68 -5.50 -2.00
CA CYS B 206 11.42 -5.26 -3.24
C CYS B 206 12.69 -6.11 -3.28
N ALA B 207 13.44 -6.20 -2.16
CA ALA B 207 14.70 -6.98 -2.10
C ALA B 207 14.43 -8.48 -2.21
N ALA B 208 13.43 -9.01 -1.46
CA ALA B 208 13.07 -10.43 -1.46
C ALA B 208 12.57 -10.89 -2.82
N SER B 209 11.78 -10.02 -3.51
CA SER B 209 11.25 -10.30 -4.84
C SER B 209 12.37 -10.41 -5.88
N VAL B 210 13.24 -9.38 -6.02
CA VAL B 210 14.32 -9.43 -7.00
C VAL B 210 15.35 -10.53 -6.69
N ALA B 211 15.64 -10.75 -5.40
CA ALA B 211 16.63 -11.75 -4.97
C ALA B 211 16.17 -13.15 -5.21
N SER B 212 14.87 -13.44 -4.98
CA SER B 212 14.37 -14.80 -5.22
C SER B 212 14.25 -15.10 -6.70
N LEU B 213 13.70 -14.14 -7.50
CA LEU B 213 13.58 -14.31 -8.94
C LEU B 213 14.92 -14.53 -9.63
N THR B 214 15.97 -13.78 -9.23
CA THR B 214 17.27 -13.85 -9.92
C THR B 214 18.23 -14.88 -9.29
N ASN B 215 17.78 -15.61 -8.26
CA ASN B 215 18.59 -16.60 -7.55
C ASN B 215 19.91 -16.01 -6.98
N ILE B 216 19.78 -14.93 -6.18
CA ILE B 216 20.95 -14.29 -5.57
C ILE B 216 20.88 -14.32 -4.04
N ILE B 217 19.91 -15.08 -3.48
CA ILE B 217 19.74 -15.18 -2.02
C ILE B 217 20.87 -16.02 -1.39
N THR B 218 21.71 -15.37 -0.60
CA THR B 218 22.79 -16.00 0.13
C THR B 218 22.24 -16.36 1.54
N PRO B 219 22.94 -17.20 2.33
CA PRO B 219 22.40 -17.57 3.67
C PRO B 219 22.13 -16.41 4.64
N ASP B 220 22.91 -15.32 4.56
CA ASP B 220 22.78 -14.19 5.49
C ASP B 220 22.09 -12.91 4.93
N LEU B 221 21.78 -12.85 3.62
CA LEU B 221 21.13 -11.67 3.02
C LEU B 221 19.90 -11.21 3.79
N PHE B 222 19.02 -12.16 4.14
CA PHE B 222 17.76 -11.88 4.83
C PHE B 222 17.74 -12.20 6.30
N GLU B 223 18.93 -12.23 6.93
CA GLU B 223 19.01 -12.47 8.37
C GLU B 223 18.36 -11.33 9.13
N GLY B 224 17.40 -11.68 9.99
CA GLY B 224 16.66 -10.70 10.79
C GLY B 224 15.51 -10.01 10.07
N THR B 225 15.40 -10.20 8.75
CA THR B 225 14.34 -9.56 7.93
C THR B 225 12.94 -9.98 8.34
N ALA B 226 12.72 -11.30 8.49
CA ALA B 226 11.41 -11.81 8.90
C ALA B 226 10.98 -11.23 10.24
N GLU B 227 11.94 -11.16 11.18
CA GLU B 227 11.71 -10.63 12.51
C GLU B 227 11.40 -9.13 12.49
N TRP B 228 12.10 -8.37 11.62
CA TRP B 228 11.83 -6.94 11.46
C TRP B 228 10.41 -6.72 10.90
N ILE B 229 10.02 -7.48 9.84
CA ILE B 229 8.68 -7.41 9.23
C ILE B 229 7.59 -7.74 10.27
N ALA B 230 7.81 -8.82 11.07
CA ALA B 230 6.87 -9.23 12.12
C ALA B 230 6.68 -8.11 13.16
N ARG B 231 7.73 -7.29 13.43
CA ARG B 231 7.61 -6.13 14.34
C ARG B 231 6.69 -5.03 13.73
N CYS B 232 6.44 -5.08 12.40
CA CYS B 232 5.54 -4.09 11.75
C CYS B 232 4.07 -4.47 11.86
N GLN B 233 3.75 -5.73 12.29
CA GLN B 233 2.35 -6.12 12.50
C GLN B 233 1.91 -5.43 13.80
N ASN B 234 0.77 -4.70 13.77
CA ASN B 234 0.37 -3.99 14.97
C ASN B 234 -0.90 -4.55 15.62
N TRP B 235 -1.45 -3.82 16.62
CA TRP B 235 -2.67 -4.15 17.39
C TRP B 235 -3.89 -4.43 16.47
N GLU B 236 -3.92 -3.88 15.24
CA GLU B 236 -5.05 -4.07 14.31
C GLU B 236 -5.03 -5.42 13.61
N GLY B 237 -3.87 -6.05 13.53
CA GLY B 237 -3.72 -7.32 12.81
C GLY B 237 -3.01 -7.13 11.50
N GLY B 238 -3.12 -5.93 10.93
CA GLY B 238 -2.45 -5.62 9.66
C GLY B 238 -1.02 -5.16 9.92
N ILE B 239 -0.32 -4.71 8.88
CA ILE B 239 1.10 -4.31 8.95
C ILE B 239 1.28 -2.81 8.54
N GLY B 240 2.07 -2.10 9.34
CA GLY B 240 2.42 -0.70 9.08
C GLY B 240 3.73 -0.60 8.31
N GLY B 241 4.06 0.59 7.82
CA GLY B 241 5.29 0.82 7.06
C GLY B 241 6.54 0.52 7.87
N VAL B 242 6.50 0.87 9.14
CA VAL B 242 7.55 0.65 10.12
C VAL B 242 6.89 0.28 11.47
N PRO B 243 7.62 -0.32 12.45
CA PRO B 243 7.00 -0.66 13.75
C PRO B 243 6.36 0.56 14.41
N GLY B 244 5.13 0.38 14.90
CA GLY B 244 4.35 1.44 15.55
C GLY B 244 3.31 2.07 14.64
N MET B 245 3.51 2.00 13.31
CA MET B 245 2.59 2.65 12.36
C MET B 245 1.30 1.89 12.07
N GLU B 246 0.26 2.66 11.69
CA GLU B 246 -1.05 2.19 11.36
C GLU B 246 -0.96 1.16 10.25
N ALA B 247 -1.77 0.09 10.38
CA ALA B 247 -1.80 -1.01 9.41
C ALA B 247 -2.31 -0.45 8.09
N HIS B 248 -1.72 -0.86 7.00
CA HIS B 248 -2.08 -0.34 5.67
C HIS B 248 -1.98 -1.44 4.67
N GLY B 249 -2.92 -1.47 3.72
CA GLY B 249 -2.93 -2.52 2.69
C GLY B 249 -1.68 -2.69 1.86
N GLY B 250 -1.06 -1.59 1.42
CA GLY B 250 0.14 -1.68 0.60
C GLY B 250 1.28 -2.31 1.35
N TYR B 251 1.49 -1.88 2.60
CA TYR B 251 2.54 -2.39 3.46
C TYR B 251 2.22 -3.80 3.91
N THR B 252 0.95 -4.13 4.11
CA THR B 252 0.55 -5.47 4.57
C THR B 252 0.84 -6.48 3.45
N PHE B 253 0.51 -6.12 2.21
CA PHE B 253 0.83 -6.98 1.09
C PHE B 253 2.36 -7.18 1.03
N CYS B 254 3.13 -6.07 1.10
CA CYS B 254 4.60 -6.12 1.03
C CYS B 254 5.18 -7.04 2.14
N GLY B 255 4.69 -6.89 3.35
CA GLY B 255 5.14 -7.65 4.51
C GLY B 255 4.87 -9.14 4.37
N LEU B 256 3.61 -9.50 4.09
CA LEU B 256 3.23 -10.92 3.93
C LEU B 256 3.89 -11.55 2.70
N ALA B 257 3.90 -10.85 1.54
CA ALA B 257 4.51 -11.42 0.34
C ALA B 257 6.01 -11.65 0.55
N ALA B 258 6.71 -10.75 1.28
CA ALA B 258 8.14 -10.95 1.58
C ALA B 258 8.31 -12.16 2.50
N LEU B 259 7.40 -12.34 3.47
CA LEU B 259 7.48 -13.49 4.40
C LEU B 259 7.22 -14.82 3.68
N VAL B 260 6.31 -14.83 2.69
CA VAL B 260 6.02 -15.99 1.84
C VAL B 260 7.30 -16.37 1.10
N ILE B 261 8.00 -15.39 0.47
CA ILE B 261 9.26 -15.61 -0.26
C ILE B 261 10.33 -16.22 0.68
N LEU B 262 10.42 -15.69 1.90
CA LEU B 262 11.40 -16.11 2.90
C LEU B 262 11.00 -17.41 3.60
N LYS B 263 9.75 -17.85 3.41
CA LYS B 263 9.14 -19.05 4.02
C LYS B 263 9.08 -18.81 5.54
N LYS B 264 8.60 -17.61 5.92
CA LYS B 264 8.54 -17.20 7.31
C LYS B 264 7.22 -16.59 7.70
N GLU B 265 6.12 -16.93 7.01
CA GLU B 265 4.76 -16.41 7.30
C GLU B 265 4.33 -16.65 8.74
N ARG B 266 4.83 -17.74 9.39
CA ARG B 266 4.51 -18.08 10.78
C ARG B 266 5.00 -17.06 11.79
N SER B 267 5.96 -16.19 11.41
CA SER B 267 6.44 -15.10 12.28
C SER B 267 5.27 -14.11 12.60
N LEU B 268 4.22 -14.11 11.76
CA LEU B 268 3.05 -13.25 11.93
C LEU B 268 1.93 -14.00 12.62
N ASN B 269 1.03 -13.26 13.27
CA ASN B 269 -0.23 -13.79 13.77
C ASN B 269 -1.15 -13.75 12.49
N LEU B 270 -1.22 -14.90 11.77
CA LEU B 270 -1.99 -15.01 10.54
C LEU B 270 -3.50 -14.82 10.68
N LYS B 271 -4.04 -15.15 11.87
CA LYS B 271 -5.46 -15.01 12.16
C LYS B 271 -5.86 -13.57 12.42
N SER B 272 -5.02 -12.78 13.14
CA SER B 272 -5.38 -11.36 13.31
C SER B 272 -5.24 -10.65 11.93
N LEU B 273 -4.29 -11.08 11.08
CA LEU B 273 -4.07 -10.58 9.71
C LEU B 273 -5.29 -10.90 8.82
N LEU B 274 -5.78 -12.16 8.88
CA LEU B 274 -6.94 -12.59 8.10
C LEU B 274 -8.15 -11.74 8.49
N GLN B 275 -8.36 -11.54 9.78
CA GLN B 275 -9.48 -10.75 10.27
C GLN B 275 -9.39 -9.27 9.84
N TRP B 276 -8.19 -8.69 9.89
CA TRP B 276 -7.97 -7.30 9.48
C TRP B 276 -8.21 -7.13 7.99
N VAL B 277 -7.63 -7.97 7.12
CA VAL B 277 -7.83 -7.80 5.67
C VAL B 277 -9.28 -7.96 5.21
N THR B 278 -9.97 -9.01 5.69
CA THR B 278 -11.36 -9.28 5.30
C THR B 278 -12.26 -8.12 5.69
N SER B 279 -11.95 -7.49 6.84
CA SER B 279 -12.64 -6.29 7.34
C SER B 279 -12.42 -5.07 6.43
N ARG B 280 -11.41 -5.10 5.54
CA ARG B 280 -11.12 -3.97 4.65
C ARG B 280 -12.01 -3.96 3.39
N GLN B 281 -12.79 -5.04 3.15
CA GLN B 281 -13.70 -5.02 2.01
C GLN B 281 -14.91 -4.18 2.44
N MET B 282 -15.30 -3.22 1.60
CA MET B 282 -16.39 -2.29 1.94
C MET B 282 -17.73 -2.99 1.69
N ARG B 283 -18.59 -3.09 2.70
CA ARG B 283 -19.92 -3.75 2.57
C ARG B 283 -20.78 -3.13 1.46
N PHE B 284 -20.71 -1.81 1.31
CA PHE B 284 -21.50 -1.16 0.29
C PHE B 284 -20.85 -1.18 -1.07
N GLU B 285 -19.65 -0.59 -1.20
CA GLU B 285 -18.96 -0.48 -2.48
C GLU B 285 -18.53 -1.80 -3.07
N GLY B 286 -18.12 -2.75 -2.23
CA GLY B 286 -17.63 -4.03 -2.72
C GLY B 286 -16.14 -4.05 -2.95
N GLY B 287 -15.53 -2.88 -3.11
CA GLY B 287 -14.09 -2.78 -3.26
C GLY B 287 -13.39 -2.77 -1.91
N PHE B 288 -12.08 -2.56 -1.89
CA PHE B 288 -11.35 -2.52 -0.61
C PHE B 288 -10.84 -1.12 -0.30
N GLN B 289 -10.76 -0.80 1.00
CA GLN B 289 -10.13 0.40 1.55
C GLN B 289 -8.66 0.02 1.94
N GLY B 290 -7.78 1.02 2.00
CA GLY B 290 -6.37 0.83 2.33
C GLY B 290 -6.14 0.71 3.83
N ARG B 291 -6.97 1.37 4.60
CA ARG B 291 -6.85 1.41 6.06
C ARG B 291 -8.25 1.48 6.61
N CYS B 292 -8.41 1.11 7.88
CA CYS B 292 -9.70 1.23 8.58
C CYS B 292 -10.21 2.67 8.57
N ASN B 293 -11.51 2.87 8.26
CA ASN B 293 -12.15 4.20 8.21
C ASN B 293 -11.67 5.16 7.09
N LYS B 294 -11.05 4.62 6.04
CA LYS B 294 -10.67 5.44 4.89
C LYS B 294 -11.55 5.00 3.72
N LEU B 295 -11.38 5.63 2.56
CA LEU B 295 -12.23 5.37 1.41
C LEU B 295 -11.80 4.20 0.56
N VAL B 296 -12.78 3.63 -0.18
CA VAL B 296 -12.51 2.57 -1.16
C VAL B 296 -11.57 3.14 -2.22
N ASP B 297 -10.76 2.28 -2.81
CA ASP B 297 -9.87 2.61 -3.89
C ASP B 297 -9.62 1.36 -4.70
N GLY B 298 -9.81 1.45 -6.02
CA GLY B 298 -9.59 0.33 -6.94
C GLY B 298 -8.24 -0.36 -6.84
N CYS B 299 -7.15 0.37 -6.54
CA CYS B 299 -5.84 -0.33 -6.48
C CYS B 299 -5.73 -1.31 -5.30
N TYR B 300 -6.51 -1.08 -4.22
CA TYR B 300 -6.57 -2.01 -3.10
C TYR B 300 -7.24 -3.32 -3.45
N SER B 301 -7.80 -3.40 -4.71
CA SER B 301 -8.34 -4.67 -5.22
C SER B 301 -7.16 -5.64 -5.31
N PHE B 302 -5.94 -5.15 -5.64
CA PHE B 302 -4.77 -6.01 -5.64
C PHE B 302 -4.11 -6.07 -4.26
N TRP B 303 -3.65 -4.92 -3.72
CA TRP B 303 -2.95 -4.92 -2.42
C TRP B 303 -3.65 -5.64 -1.30
N GLN B 304 -4.98 -5.46 -1.18
CA GLN B 304 -5.75 -6.10 -0.11
C GLN B 304 -6.25 -7.49 -0.53
N ALA B 305 -6.93 -7.61 -1.69
CA ALA B 305 -7.45 -8.92 -2.07
C ALA B 305 -6.36 -9.93 -2.40
N GLY B 306 -5.18 -9.45 -2.81
CA GLY B 306 -3.99 -10.24 -3.11
C GLY B 306 -3.43 -10.92 -1.87
N LEU B 307 -3.82 -10.45 -0.67
CA LEU B 307 -3.47 -11.07 0.61
C LEU B 307 -4.21 -12.39 0.85
N LEU B 308 -5.44 -12.51 0.32
CA LEU B 308 -6.27 -13.71 0.53
C LEU B 308 -5.64 -14.98 -0.09
N PRO B 309 -5.12 -14.96 -1.34
CA PRO B 309 -4.39 -16.15 -1.84
C PRO B 309 -3.14 -16.44 -1.02
N LEU B 310 -2.40 -15.38 -0.55
CA LEU B 310 -1.19 -15.57 0.27
C LEU B 310 -1.54 -16.24 1.62
N LEU B 311 -2.65 -15.83 2.23
CA LEU B 311 -3.09 -16.39 3.51
C LEU B 311 -3.60 -17.81 3.32
N HIS B 312 -4.32 -18.08 2.22
CA HIS B 312 -4.83 -19.40 1.89
C HIS B 312 -3.63 -20.39 1.80
N ARG B 313 -2.59 -20.05 1.01
CA ARG B 313 -1.37 -20.84 0.86
C ARG B 313 -0.69 -21.03 2.21
N ALA B 314 -0.61 -19.94 3.03
CA ALA B 314 0.00 -20.04 4.36
C ALA B 314 -0.77 -20.97 5.29
N LEU B 315 -2.09 -20.82 5.37
CA LEU B 315 -2.92 -21.67 6.24
C LEU B 315 -2.96 -23.12 5.79
N HIS B 316 -2.97 -23.36 4.47
CA HIS B 316 -2.96 -24.68 3.87
C HIS B 316 -1.66 -25.45 4.18
N ALA B 317 -0.51 -24.74 4.20
CA ALA B 317 0.82 -25.27 4.49
C ALA B 317 0.89 -25.75 5.96
N GLN B 318 0.01 -25.18 6.81
CA GLN B 318 -0.15 -25.55 8.21
C GLN B 318 -1.23 -26.64 8.31
N GLY B 319 -1.71 -27.12 7.16
CA GLY B 319 -2.76 -28.14 7.08
C GLY B 319 -4.08 -27.75 7.69
N ASP B 320 -4.60 -26.54 7.34
CA ASP B 320 -5.89 -26.06 7.83
C ASP B 320 -6.98 -26.84 7.12
N PRO B 321 -7.84 -27.56 7.86
CA PRO B 321 -8.87 -28.37 7.18
C PRO B 321 -10.16 -27.61 6.82
N ALA B 322 -10.38 -26.41 7.43
CA ALA B 322 -11.58 -25.61 7.24
C ALA B 322 -11.54 -24.64 6.04
N LEU B 323 -10.42 -24.63 5.28
CA LEU B 323 -10.24 -23.74 4.13
C LEU B 323 -11.14 -24.13 2.97
N SER B 324 -11.71 -23.13 2.26
CA SER B 324 -12.56 -23.39 1.08
C SER B 324 -11.75 -24.06 0.00
N MET B 325 -12.45 -24.82 -0.86
CA MET B 325 -11.84 -25.57 -1.95
C MET B 325 -12.22 -24.95 -3.29
N SER B 326 -12.95 -23.82 -3.25
CA SER B 326 -13.42 -23.14 -4.45
C SER B 326 -13.31 -21.60 -4.45
N HIS B 327 -13.28 -20.95 -3.26
CA HIS B 327 -13.25 -19.49 -3.16
C HIS B 327 -12.19 -18.91 -2.19
N TRP B 328 -11.78 -17.65 -2.49
CA TRP B 328 -10.89 -16.89 -1.60
C TRP B 328 -11.76 -16.37 -0.47
N MET B 329 -11.15 -15.99 0.66
CA MET B 329 -11.90 -15.47 1.78
C MET B 329 -12.28 -14.00 1.68
N PHE B 330 -12.81 -13.61 0.54
CA PHE B 330 -13.38 -12.29 0.31
C PHE B 330 -14.49 -12.47 -0.73
N HIS B 331 -15.37 -11.48 -0.86
CA HIS B 331 -16.48 -11.53 -1.81
C HIS B 331 -15.94 -11.26 -3.21
N GLN B 332 -15.61 -12.35 -3.93
CA GLN B 332 -15.10 -12.24 -5.29
C GLN B 332 -16.04 -11.50 -6.24
N GLN B 333 -17.32 -11.83 -6.16
CA GLN B 333 -18.36 -11.22 -6.99
C GLN B 333 -18.47 -9.70 -6.75
N ALA B 334 -18.59 -9.25 -5.47
CA ALA B 334 -18.72 -7.83 -5.13
C ALA B 334 -17.49 -7.02 -5.53
N LEU B 335 -16.29 -7.63 -5.47
CA LEU B 335 -15.09 -6.92 -5.92
C LEU B 335 -15.14 -6.74 -7.44
N GLN B 336 -15.43 -7.81 -8.21
CA GLN B 336 -15.52 -7.72 -9.68
C GLN B 336 -16.55 -6.67 -10.13
N GLU B 337 -17.66 -6.60 -9.42
CA GLU B 337 -18.75 -5.66 -9.66
C GLU B 337 -18.28 -4.21 -9.44
N TYR B 338 -17.55 -3.95 -8.33
CA TYR B 338 -16.97 -2.63 -8.06
C TYR B 338 -16.01 -2.24 -9.19
N ILE B 339 -15.10 -3.15 -9.57
CA ILE B 339 -14.12 -2.86 -10.60
C ILE B 339 -14.80 -2.58 -11.97
N LEU B 340 -15.65 -3.53 -12.42
CA LEU B 340 -16.32 -3.45 -13.72
C LEU B 340 -17.26 -2.28 -13.86
N MET B 341 -18.03 -1.95 -12.80
CA MET B 341 -19.01 -0.87 -12.81
C MET B 341 -18.45 0.50 -12.47
N CYS B 342 -17.51 0.58 -11.49
CA CYS B 342 -16.98 1.88 -11.02
C CYS B 342 -15.60 2.29 -11.45
N CYS B 343 -14.74 1.32 -11.78
CA CYS B 343 -13.35 1.64 -12.04
C CYS B 343 -12.93 1.71 -13.50
N GLN B 344 -13.86 1.60 -14.45
CA GLN B 344 -13.42 1.69 -15.84
C GLN B 344 -13.61 3.07 -16.39
N CYS B 345 -12.56 3.60 -17.01
CA CYS B 345 -12.70 4.87 -17.69
C CYS B 345 -13.29 4.55 -19.07
N PRO B 346 -14.34 5.30 -19.52
CA PRO B 346 -14.92 5.03 -20.86
C PRO B 346 -13.91 5.09 -22.03
N ALA B 347 -12.94 6.03 -21.96
CA ALA B 347 -11.89 6.20 -22.97
C ALA B 347 -10.74 5.14 -22.88
N GLY B 348 -10.84 4.22 -21.93
CA GLY B 348 -9.79 3.23 -21.71
C GLY B 348 -8.99 3.55 -20.47
N GLY B 349 -8.54 2.51 -19.77
CA GLY B 349 -7.81 2.67 -18.52
C GLY B 349 -8.71 2.51 -17.32
N LEU B 350 -8.10 2.26 -16.15
CA LEU B 350 -8.88 2.08 -14.94
C LEU B 350 -8.53 3.13 -13.89
N LEU B 351 -9.38 3.26 -12.88
CA LEU B 351 -9.23 4.31 -11.91
C LEU B 351 -9.52 3.89 -10.50
N ASP B 352 -9.19 4.77 -9.56
CA ASP B 352 -9.36 4.62 -8.11
C ASP B 352 -10.86 4.45 -7.79
N LYS B 353 -11.65 5.45 -8.16
CA LYS B 353 -13.10 5.45 -7.91
C LYS B 353 -13.80 6.39 -8.90
N PRO B 354 -15.16 6.38 -9.04
CA PRO B 354 -15.80 7.32 -9.98
C PRO B 354 -15.47 8.77 -9.65
N GLY B 355 -15.17 9.55 -10.68
CA GLY B 355 -14.81 10.95 -10.50
C GLY B 355 -13.32 11.21 -10.48
N LYS B 356 -12.52 10.11 -10.50
CA LYS B 356 -11.07 10.19 -10.51
C LYS B 356 -10.60 10.00 -11.96
N SER B 357 -9.39 10.46 -12.27
CA SER B 357 -8.79 10.35 -13.60
C SER B 357 -8.05 9.02 -13.67
N ARG B 358 -8.07 8.40 -14.86
CA ARG B 358 -7.38 7.14 -15.14
C ARG B 358 -5.88 7.34 -15.01
N ASP B 359 -5.13 6.26 -14.79
CA ASP B 359 -3.68 6.27 -14.75
C ASP B 359 -3.19 4.83 -14.90
N PHE B 360 -1.95 4.66 -15.32
CA PHE B 360 -1.38 3.34 -15.54
C PHE B 360 -1.23 2.48 -14.26
N TYR B 361 -1.03 3.14 -13.10
CA TYR B 361 -0.94 2.46 -11.79
C TYR B 361 -2.30 1.80 -11.46
N HIS B 362 -3.40 2.57 -11.53
CA HIS B 362 -4.72 1.99 -11.27
C HIS B 362 -5.13 0.99 -12.31
N THR B 363 -4.70 1.18 -13.57
CA THR B 363 -5.01 0.21 -14.63
C THR B 363 -4.35 -1.11 -14.28
N CYS B 364 -3.07 -1.06 -13.91
CA CYS B 364 -2.34 -2.27 -13.49
C CYS B 364 -3.00 -2.97 -12.30
N TYR B 365 -3.32 -2.24 -11.21
CA TYR B 365 -3.85 -2.88 -10.00
C TYR B 365 -5.30 -3.26 -9.98
N CYS B 366 -6.14 -2.48 -10.68
CA CYS B 366 -7.55 -2.84 -10.84
C CYS B 366 -7.65 -4.15 -11.62
N LEU B 367 -6.89 -4.29 -12.72
CA LEU B 367 -6.86 -5.52 -13.54
C LEU B 367 -6.22 -6.66 -12.78
N SER B 368 -5.13 -6.38 -12.00
CA SER B 368 -4.51 -7.41 -11.15
C SER B 368 -5.51 -7.97 -10.12
N GLY B 369 -6.23 -7.10 -9.44
CA GLY B 369 -7.26 -7.44 -8.47
C GLY B 369 -8.45 -8.15 -9.12
N LEU B 370 -8.79 -7.77 -10.38
CA LEU B 370 -9.85 -8.45 -11.13
C LEU B 370 -9.44 -9.92 -11.39
N SER B 371 -8.19 -10.14 -11.84
CA SER B 371 -7.65 -11.46 -12.11
C SER B 371 -7.69 -12.37 -10.88
N ILE B 372 -7.31 -11.83 -9.71
CA ILE B 372 -7.34 -12.54 -8.41
C ILE B 372 -8.76 -12.94 -8.01
N ALA B 373 -9.70 -12.00 -8.17
CA ALA B 373 -11.13 -12.19 -7.88
C ALA B 373 -11.77 -13.22 -8.84
N GLN B 374 -11.23 -13.37 -10.05
CA GLN B 374 -11.75 -14.31 -11.03
C GLN B 374 -11.20 -15.73 -10.85
N HIS B 375 -9.91 -15.85 -10.47
CA HIS B 375 -9.19 -17.11 -10.42
C HIS B 375 -8.82 -17.66 -9.04
N PHE B 376 -9.54 -18.71 -8.60
CA PHE B 376 -9.19 -19.42 -7.37
C PHE B 376 -8.36 -20.68 -7.71
N GLY B 377 -7.39 -21.02 -6.83
CA GLY B 377 -6.53 -22.18 -6.96
C GLY B 377 -5.85 -22.59 -5.66
N SER B 378 -5.95 -23.88 -5.28
CA SER B 378 -5.32 -24.42 -4.06
C SER B 378 -4.99 -25.89 -4.24
N GLY B 379 -3.76 -26.14 -4.71
CA GLY B 379 -3.24 -27.45 -5.01
C GLY B 379 -3.91 -28.02 -6.24
N ALA B 380 -4.79 -29.01 -6.03
CA ALA B 380 -5.55 -29.70 -7.08
C ALA B 380 -6.79 -28.88 -7.52
N MET B 381 -7.36 -28.11 -6.58
CA MET B 381 -8.55 -27.28 -6.80
C MET B 381 -8.32 -26.06 -7.68
N LEU B 382 -9.27 -25.81 -8.60
CA LEU B 382 -9.32 -24.69 -9.54
C LEU B 382 -10.78 -24.29 -9.75
N HIS B 383 -11.13 -23.03 -9.48
CA HIS B 383 -12.50 -22.54 -9.64
C HIS B 383 -12.50 -21.09 -10.08
N ASP B 384 -13.18 -20.81 -11.22
CA ASP B 384 -13.29 -19.47 -11.75
C ASP B 384 -14.66 -18.84 -11.49
N VAL B 385 -14.68 -17.54 -11.20
CA VAL B 385 -15.88 -16.74 -11.00
C VAL B 385 -15.71 -15.59 -11.98
N VAL B 386 -16.41 -15.62 -13.12
CA VAL B 386 -16.29 -14.53 -14.10
C VAL B 386 -17.61 -13.77 -14.17
N MET B 387 -17.67 -12.60 -13.52
CA MET B 387 -18.83 -11.73 -13.56
C MET B 387 -18.94 -11.04 -14.91
N GLY B 388 -20.17 -10.81 -15.37
CA GLY B 388 -20.49 -10.22 -16.68
C GLY B 388 -20.21 -11.17 -17.83
N VAL B 389 -19.90 -10.62 -19.02
CA VAL B 389 -19.61 -11.38 -20.25
C VAL B 389 -18.38 -12.31 -20.09
N PRO B 390 -18.38 -13.56 -20.65
CA PRO B 390 -17.24 -14.46 -20.43
C PRO B 390 -15.87 -13.96 -20.93
N GLU B 391 -15.88 -13.03 -21.90
CA GLU B 391 -14.70 -12.37 -22.47
C GLU B 391 -13.97 -11.52 -21.40
N ASN B 392 -14.59 -11.31 -20.24
CA ASN B 392 -14.02 -10.53 -19.15
C ASN B 392 -12.85 -11.27 -18.47
N VAL B 393 -12.77 -12.61 -18.64
CA VAL B 393 -11.75 -13.47 -18.04
C VAL B 393 -10.36 -12.98 -18.37
N LEU B 394 -9.56 -12.75 -17.33
CA LEU B 394 -8.19 -12.29 -17.52
C LEU B 394 -7.20 -13.43 -17.40
N GLN B 395 -5.96 -13.18 -17.81
CA GLN B 395 -4.88 -14.15 -17.59
C GLN B 395 -4.57 -14.15 -16.07
N PRO B 396 -4.20 -15.31 -15.45
CA PRO B 396 -3.94 -15.30 -14.00
C PRO B 396 -2.68 -14.53 -13.62
N THR B 397 -2.61 -14.14 -12.35
CA THR B 397 -1.43 -13.44 -11.86
C THR B 397 -0.89 -14.17 -10.63
N HIS B 398 0.45 -14.18 -10.46
CA HIS B 398 1.07 -14.80 -9.28
C HIS B 398 0.83 -13.84 -8.07
N PRO B 399 0.19 -14.32 -6.98
CA PRO B 399 -0.08 -13.42 -5.84
C PRO B 399 1.14 -12.88 -5.09
N VAL B 400 2.31 -13.50 -5.24
CA VAL B 400 3.54 -13.00 -4.61
C VAL B 400 4.19 -11.89 -5.46
N TYR B 401 4.41 -12.16 -6.76
CA TYR B 401 5.15 -11.27 -7.66
C TYR B 401 4.33 -10.28 -8.48
N ASN B 402 3.05 -10.58 -8.62
CA ASN B 402 2.15 -9.84 -9.48
C ASN B 402 2.63 -9.78 -10.95
N ILE B 403 3.06 -10.93 -11.45
CA ILE B 403 3.43 -11.17 -12.85
C ILE B 403 2.82 -12.56 -13.12
N GLY B 404 2.67 -12.93 -14.39
CA GLY B 404 2.11 -14.23 -14.77
C GLY B 404 2.82 -15.39 -14.10
N PRO B 405 2.07 -16.35 -13.54
CA PRO B 405 2.73 -17.53 -12.90
C PRO B 405 3.73 -18.28 -13.79
N ASP B 406 3.48 -18.28 -15.12
CA ASP B 406 4.36 -18.89 -16.13
C ASP B 406 5.67 -18.12 -16.21
N LYS B 407 5.61 -16.76 -16.07
CA LYS B 407 6.79 -15.87 -16.07
C LYS B 407 7.62 -16.10 -14.83
N VAL B 408 6.97 -16.34 -13.67
CA VAL B 408 7.65 -16.67 -12.41
C VAL B 408 8.43 -18.00 -12.57
N ILE B 409 7.74 -19.08 -12.97
CA ILE B 409 8.33 -20.40 -13.25
C ILE B 409 9.51 -20.31 -14.21
N GLN B 410 9.30 -19.64 -15.35
CA GLN B 410 10.34 -19.50 -16.37
C GLN B 410 11.56 -18.73 -15.87
N ALA B 411 11.36 -17.58 -15.18
CA ALA B 411 12.48 -16.80 -14.66
C ALA B 411 13.22 -17.59 -13.59
N THR B 412 12.49 -18.22 -12.66
CA THR B 412 13.12 -18.98 -11.56
C THR B 412 13.95 -20.12 -12.08
N THR B 413 13.41 -20.88 -13.05
CA THR B 413 14.09 -21.99 -13.73
C THR B 413 15.31 -21.48 -14.45
N HIS B 414 15.22 -20.33 -15.16
CA HIS B 414 16.37 -19.79 -15.86
C HIS B 414 17.49 -19.36 -14.87
N PHE B 415 17.13 -18.61 -13.81
CA PHE B 415 18.15 -18.12 -12.89
C PHE B 415 18.73 -19.19 -11.95
N LEU B 416 17.96 -20.29 -11.77
CA LEU B 416 18.42 -21.46 -11.00
C LEU B 416 19.53 -22.25 -11.72
N GLN B 417 19.76 -22.04 -13.05
CA GLN B 417 20.85 -22.67 -13.81
C GLN B 417 22.14 -21.84 -13.71
N LYS B 418 22.10 -20.81 -12.86
CA LYS B 418 23.22 -19.94 -12.58
C LYS B 418 23.54 -20.11 -11.09
N PRO B 419 24.82 -20.05 -10.67
CA PRO B 419 25.08 -20.16 -9.22
C PRO B 419 24.74 -18.84 -8.52
N VAL B 420 24.45 -18.93 -7.23
CA VAL B 420 24.23 -17.75 -6.40
C VAL B 420 25.62 -17.04 -6.43
N PRO B 421 25.75 -15.74 -6.80
CA PRO B 421 27.08 -15.12 -6.86
C PRO B 421 27.87 -15.21 -5.56
N GLY B 422 29.19 -15.36 -5.69
CA GLY B 422 30.10 -15.42 -4.55
C GLY B 422 30.47 -14.02 -4.11
N PHE B 423 31.31 -13.89 -3.07
CA PHE B 423 31.75 -12.60 -2.58
C PHE B 423 32.86 -11.98 -3.43
#